data_5WTY
#
_entry.id   5WTY
#
_cell.length_a   69.503
_cell.length_b   102.744
_cell.length_c   114.708
_cell.angle_alpha   90.00
_cell.angle_beta   95.51
_cell.angle_gamma   90.00
#
_symmetry.space_group_name_H-M   'P 1 21 1'
#
loop_
_entity.id
_entity.type
_entity.pdbx_description
1 polymer 'Nucleolar protein 9'
2 polymer "RNA (5'-R(*AP*AP*AP*GP*GP*AP*AP*UP*UP*GP*AP*CP*GP*GP*AP*AP*GP*G)-3')"
3 water water
#
loop_
_entity_poly.entity_id
_entity_poly.type
_entity_poly.pdbx_seq_one_letter_code
_entity_poly.pdbx_strand_id
1 'polypeptide(L)'
;GPEASFGVLDREELEYFKQAESTLQLDAFEAPEEKFQFVTSIIEEAKGKELKLVTSQITSKLMERVILECDETQLKDIFQ
SFNGVFFGLSCHKYASHVLETLFVRSAALVERELLTPSFDNNEKEGPYVTMENMFLFMLNELKPHLKTMMNHQYASHVLR
LLILILSSKTLPNSTKANSTLRSKKSKIARKMIDIKDNDDFNKVYQTPESFKSELRDIITTLYKGFTNGAESRSDISQST
ITKFREYSVDKVASPVIQLIIQVEGIFDRDRSFWRLVFNTADEKDPKEESFLEYLLSDPVGSHFLENVIGSARLKYVERL
YRLYMKDRIVKLAKRDTTGAFVVRALLEHLKEKDVKQILDAVVPELSMLLNSNMDFGTAIINASNKQGGYLRDDVIAQLI
QKYYPEKSDAKNILESCLLLSASTLGNTRDDWPTAEERRRSVFLEQLIDYDDKFLNITIDSMLALPEERLIQMCYHGVFS
HVVEHVLQTTRVDIIKRKMLLNILSKESVNLACNVYGSHIMDKLWEFTAKLTLYKERIARALVLETEKVKNSIYGRQVWK
NWKLELYVRKMWDWKKLIKEQEFEIFP
;
B,A
2 'polyribonucleotide' AAAGGAAUUGACGGAAGG C,D
#
# COMPACT_ATOMS: atom_id res chain seq x y z
N GLY A 1 44.91 -43.22 9.73
CA GLY A 1 44.54 -43.23 8.32
C GLY A 1 45.51 -44.08 7.51
N PRO A 2 45.45 -45.41 7.70
CA PRO A 2 46.37 -46.31 7.00
C PRO A 2 45.94 -46.59 5.55
N GLU A 3 44.88 -45.93 5.07
CA GLU A 3 44.27 -46.29 3.79
C GLU A 3 45.09 -45.77 2.61
N ALA A 4 46.02 -44.86 2.89
CA ALA A 4 47.04 -44.42 1.92
C ALA A 4 48.12 -43.58 2.62
N SER A 5 49.28 -43.47 1.99
CA SER A 5 50.41 -42.74 2.56
C SER A 5 50.65 -41.41 1.84
N PHE A 6 50.56 -40.32 2.60
CA PHE A 6 50.68 -38.98 2.00
C PHE A 6 51.95 -38.24 2.42
N GLY A 7 52.47 -38.58 3.58
CA GLY A 7 53.67 -37.92 4.08
C GLY A 7 53.32 -36.58 4.66
N VAL A 8 54.31 -35.70 4.78
CA VAL A 8 54.08 -34.37 5.33
C VAL A 8 54.93 -33.30 4.66
N LEU A 9 54.46 -32.07 4.76
CA LEU A 9 55.22 -30.91 4.33
C LEU A 9 56.38 -30.63 5.30
N ASP A 10 57.41 -29.96 4.80
CA ASP A 10 58.52 -29.51 5.63
C ASP A 10 58.23 -28.10 6.14
N ARG A 11 59.07 -27.60 7.03
CA ARG A 11 58.84 -26.30 7.66
C ARG A 11 58.86 -25.18 6.61
N GLU A 12 59.64 -25.36 5.55
CA GLU A 12 59.68 -24.38 4.47
C GLU A 12 58.32 -24.28 3.77
N GLU A 13 57.79 -25.43 3.35
CA GLU A 13 56.49 -25.50 2.68
C GLU A 13 55.36 -25.05 3.60
N LEU A 14 55.43 -25.44 4.87
CA LEU A 14 54.44 -25.01 5.85
C LEU A 14 54.34 -23.49 5.96
N GLU A 15 55.48 -22.82 6.03
CA GLU A 15 55.51 -21.38 6.26
C GLU A 15 55.04 -20.59 5.03
N TYR A 16 55.28 -21.11 3.84
CA TYR A 16 54.81 -20.44 2.64
C TYR A 16 53.29 -20.38 2.61
N PHE A 17 52.65 -21.52 2.89
CA PHE A 17 51.20 -21.62 2.85
C PHE A 17 50.56 -21.01 4.09
N LYS A 18 51.25 -21.12 5.23
CA LYS A 18 50.83 -20.48 6.45
C LYS A 18 50.77 -18.97 6.26
N GLN A 19 51.55 -18.47 5.31
CA GLN A 19 51.62 -17.04 5.02
C GLN A 19 50.63 -16.65 3.93
N ALA A 20 50.44 -17.54 2.96
CA ALA A 20 49.46 -17.31 1.90
C ALA A 20 48.04 -17.21 2.47
N GLU A 21 47.74 -18.00 3.50
CA GLU A 21 46.41 -17.94 4.09
C GLU A 21 46.25 -16.64 4.85
N SER A 22 47.27 -16.28 5.62
CA SER A 22 47.30 -15.01 6.34
C SER A 22 46.92 -13.89 5.41
N THR A 23 47.70 -13.71 4.34
CA THR A 23 47.47 -12.62 3.40
C THR A 23 46.24 -12.84 2.54
N LEU A 24 45.63 -14.02 2.61
CA LEU A 24 44.40 -14.25 1.86
C LEU A 24 43.16 -13.89 2.67
N GLN A 25 43.19 -14.13 3.98
CA GLN A 25 42.06 -13.72 4.81
C GLN A 25 42.23 -12.28 5.27
N LEU A 26 43.43 -11.74 5.11
CA LEU A 26 43.62 -10.30 5.29
C LEU A 26 42.71 -9.54 4.34
N ASP A 27 42.54 -10.08 3.13
CA ASP A 27 41.69 -9.49 2.10
C ASP A 27 42.05 -8.04 1.83
N ALA A 28 43.34 -7.75 1.80
CA ALA A 28 43.81 -6.41 1.48
C ALA A 28 44.11 -6.30 -0.02
N PHE A 29 43.17 -6.79 -0.84
CA PHE A 29 43.28 -6.68 -2.28
C PHE A 29 42.60 -5.43 -2.78
N GLU A 30 43.18 -4.79 -3.79
CA GLU A 30 42.67 -3.53 -4.28
C GLU A 30 41.97 -3.71 -5.63
N ALA A 31 41.73 -4.96 -6.00
CA ALA A 31 40.93 -5.31 -7.19
C ALA A 31 40.59 -6.81 -7.15
N PRO A 32 39.62 -7.23 -7.97
CA PRO A 32 39.30 -8.67 -8.06
C PRO A 32 40.35 -9.52 -8.77
N GLU A 33 40.94 -9.01 -9.85
CA GLU A 33 41.90 -9.80 -10.64
C GLU A 33 43.18 -10.00 -9.84
N GLU A 34 43.44 -9.07 -8.93
CA GLU A 34 44.61 -9.12 -8.07
C GLU A 34 44.49 -10.27 -7.09
N LYS A 35 43.30 -10.39 -6.50
CA LYS A 35 42.95 -11.49 -5.61
C LYS A 35 42.94 -12.82 -6.36
N PHE A 36 42.37 -12.83 -7.57
CA PHE A 36 42.40 -14.06 -8.37
C PHE A 36 43.83 -14.45 -8.69
N GLN A 37 44.64 -13.48 -9.10
CA GLN A 37 46.04 -13.72 -9.47
C GLN A 37 46.82 -14.31 -8.32
N PHE A 38 46.46 -13.91 -7.10
CA PHE A 38 47.09 -14.46 -5.92
C PHE A 38 46.69 -15.92 -5.64
N VAL A 39 45.43 -16.26 -5.94
CA VAL A 39 44.95 -17.63 -5.81
C VAL A 39 45.70 -18.53 -6.79
N THR A 40 45.73 -18.14 -8.06
CA THR A 40 46.50 -18.84 -9.08
C THR A 40 47.96 -19.00 -8.62
N SER A 41 48.46 -17.97 -7.95
CA SER A 41 49.80 -18.00 -7.41
C SER A 41 49.96 -19.09 -6.36
N ILE A 42 48.91 -19.33 -5.59
CA ILE A 42 48.92 -20.37 -4.57
C ILE A 42 48.84 -21.75 -5.23
N ILE A 43 47.85 -21.92 -6.09
CA ILE A 43 47.64 -23.17 -6.81
C ILE A 43 48.92 -23.61 -7.48
N GLU A 44 49.73 -22.61 -7.84
CA GLU A 44 50.97 -22.81 -8.55
C GLU A 44 52.05 -23.45 -7.70
N GLU A 45 52.30 -22.90 -6.52
CA GLU A 45 53.28 -23.46 -5.62
C GLU A 45 52.79 -24.78 -5.04
N ALA A 46 51.51 -25.05 -5.27
CA ALA A 46 50.84 -26.22 -4.72
C ALA A 46 50.94 -27.43 -5.64
N LYS A 47 51.34 -27.24 -6.89
CA LYS A 47 51.41 -28.34 -7.84
C LYS A 47 52.49 -29.36 -7.41
N GLY A 48 52.14 -30.64 -7.49
CA GLY A 48 53.05 -31.71 -7.06
C GLY A 48 53.02 -32.02 -5.57
N LYS A 49 52.48 -31.14 -4.76
CA LYS A 49 52.40 -31.40 -3.33
C LYS A 49 50.95 -31.27 -2.82
N GLU A 50 50.00 -31.56 -3.69
CA GLU A 50 48.58 -31.38 -3.37
C GLU A 50 48.09 -32.37 -2.33
N LEU A 51 48.64 -33.58 -2.32
CA LEU A 51 48.16 -34.58 -1.37
C LEU A 51 48.62 -34.21 0.02
N LYS A 52 49.70 -33.46 0.11
CA LYS A 52 50.21 -33.12 1.42
C LYS A 52 49.47 -31.90 2.01
N LEU A 53 49.08 -30.97 1.16
CA LEU A 53 48.42 -29.74 1.60
C LEU A 53 47.01 -29.98 2.08
N VAL A 54 46.46 -31.11 1.67
CA VAL A 54 45.04 -31.36 1.80
C VAL A 54 44.81 -32.30 2.98
N THR A 55 45.90 -32.91 3.45
CA THR A 55 45.86 -33.85 4.57
C THR A 55 46.57 -33.32 5.82
N SER A 56 46.80 -32.00 5.84
CA SER A 56 47.39 -31.33 6.98
C SER A 56 46.38 -30.42 7.65
N GLN A 57 46.39 -30.38 8.97
CA GLN A 57 45.46 -29.51 9.65
C GLN A 57 45.83 -28.04 9.50
N ILE A 58 47.11 -27.75 9.27
CA ILE A 58 47.53 -26.37 9.05
C ILE A 58 46.99 -25.81 7.71
N THR A 59 47.00 -26.63 6.66
CA THR A 59 46.72 -26.14 5.33
C THR A 59 45.50 -26.73 4.62
N SER A 60 44.76 -27.63 5.24
CA SER A 60 43.58 -28.17 4.57
C SER A 60 42.47 -27.12 4.46
N LYS A 61 42.39 -26.23 5.45
CA LYS A 61 41.49 -25.09 5.38
C LYS A 61 41.82 -24.24 4.16
N LEU A 62 43.12 -24.01 3.98
CA LEU A 62 43.61 -23.19 2.88
C LEU A 62 43.20 -23.80 1.55
N MET A 63 43.23 -25.11 1.48
CA MET A 63 42.95 -25.78 0.23
C MET A 63 41.50 -25.68 -0.19
N GLU A 64 40.58 -25.60 0.76
CA GLU A 64 39.19 -25.48 0.37
C GLU A 64 38.82 -24.03 0.14
N ARG A 65 39.55 -23.12 0.79
CA ARG A 65 39.45 -21.71 0.44
C ARG A 65 39.79 -21.54 -1.05
N VAL A 66 40.89 -22.17 -1.44
CA VAL A 66 41.32 -22.27 -2.84
C VAL A 66 40.25 -22.94 -3.72
N ILE A 67 39.75 -24.11 -3.31
CA ILE A 67 38.70 -24.82 -4.07
C ILE A 67 37.47 -23.93 -4.35
N LEU A 68 37.17 -23.00 -3.44
CA LEU A 68 36.01 -22.10 -3.58
C LEU A 68 36.30 -20.86 -4.41
N GLU A 69 37.54 -20.37 -4.32
CA GLU A 69 37.89 -19.08 -4.88
C GLU A 69 38.66 -19.17 -6.20
N CYS A 70 38.70 -20.36 -6.80
CA CYS A 70 39.55 -20.53 -7.96
C CYS A 70 38.80 -20.67 -9.27
N ASP A 71 39.59 -20.75 -10.33
CA ASP A 71 39.17 -20.94 -11.72
C ASP A 71 38.34 -22.21 -11.90
N GLU A 72 37.58 -22.32 -12.98
CA GLU A 72 36.94 -23.60 -13.27
C GLU A 72 37.89 -24.54 -14.01
N THR A 73 38.95 -23.99 -14.61
CA THR A 73 39.99 -24.83 -15.18
C THR A 73 40.85 -25.37 -14.04
N GLN A 74 41.29 -24.46 -13.17
CA GLN A 74 42.06 -24.82 -11.99
C GLN A 74 41.30 -25.83 -11.11
N LEU A 75 39.99 -25.66 -11.01
CA LEU A 75 39.15 -26.58 -10.27
C LEU A 75 39.23 -28.00 -10.85
N LYS A 76 39.10 -28.10 -12.17
CA LYS A 76 39.32 -29.37 -12.88
C LYS A 76 40.75 -29.90 -12.72
N ASP A 77 41.70 -29.01 -12.54
CA ASP A 77 43.09 -29.42 -12.37
C ASP A 77 43.30 -30.05 -10.99
N ILE A 78 42.69 -29.44 -9.97
CA ILE A 78 42.80 -29.93 -8.59
C ILE A 78 42.12 -31.28 -8.42
N PHE A 79 40.87 -31.38 -8.87
CA PHE A 79 40.14 -32.64 -8.93
C PHE A 79 40.96 -33.77 -9.59
N GLN A 80 41.51 -33.49 -10.78
CA GLN A 80 42.22 -34.51 -11.55
C GLN A 80 43.44 -35.02 -10.76
N SER A 81 43.94 -34.21 -9.83
CA SER A 81 45.17 -34.53 -9.10
C SER A 81 44.92 -35.42 -7.90
N PHE A 82 43.65 -35.68 -7.62
CA PHE A 82 43.28 -36.59 -6.55
C PHE A 82 42.99 -37.98 -7.08
N ASN A 83 43.30 -38.21 -8.36
CA ASN A 83 43.08 -39.50 -9.00
C ASN A 83 43.93 -40.61 -8.39
N GLY A 84 43.30 -41.77 -8.18
CA GLY A 84 43.98 -42.93 -7.65
C GLY A 84 44.00 -43.04 -6.14
N VAL A 85 43.75 -41.92 -5.45
CA VAL A 85 43.80 -41.89 -3.99
C VAL A 85 42.53 -41.32 -3.33
N PHE A 86 41.42 -41.29 -4.07
CA PHE A 86 40.15 -40.75 -3.56
C PHE A 86 39.65 -41.46 -2.29
N PHE A 87 39.75 -42.78 -2.26
CA PHE A 87 39.35 -43.52 -1.08
C PHE A 87 40.21 -43.13 0.11
N GLY A 88 41.52 -43.03 -0.11
CA GLY A 88 42.42 -42.60 0.95
C GLY A 88 42.01 -41.28 1.55
N LEU A 89 41.83 -40.26 0.69
CA LEU A 89 41.35 -38.94 1.10
C LEU A 89 39.99 -38.99 1.77
N SER A 90 39.05 -39.67 1.12
CA SER A 90 37.73 -39.94 1.70
C SER A 90 37.76 -40.41 3.15
N CYS A 91 38.74 -41.25 3.50
CA CYS A 91 38.84 -41.79 4.87
C CYS A 91 39.71 -40.96 5.81
N HIS A 92 40.14 -39.81 5.35
CA HIS A 92 41.14 -39.03 6.07
C HIS A 92 40.50 -37.92 6.92
N LYS A 93 41.01 -37.73 8.13
CA LYS A 93 40.46 -36.74 9.08
C LYS A 93 40.29 -35.33 8.51
N TYR A 94 41.26 -34.86 7.75
CA TYR A 94 41.23 -33.51 7.21
C TYR A 94 40.82 -33.48 5.75
N ALA A 95 41.30 -34.46 4.99
CA ALA A 95 41.05 -34.47 3.57
C ALA A 95 39.58 -34.72 3.25
N SER A 96 38.89 -35.50 4.09
CA SER A 96 37.50 -35.84 3.82
C SER A 96 36.66 -34.58 3.68
N HIS A 97 37.00 -33.56 4.46
CA HIS A 97 36.34 -32.26 4.41
C HIS A 97 36.62 -31.50 3.11
N VAL A 98 37.83 -31.63 2.58
CA VAL A 98 38.20 -30.92 1.36
C VAL A 98 37.54 -31.55 0.14
N LEU A 99 37.53 -32.88 0.11
CA LEU A 99 36.78 -33.62 -0.90
C LEU A 99 35.33 -33.18 -0.93
N GLU A 100 34.80 -32.80 0.23
CA GLU A 100 33.41 -32.37 0.33
C GLU A 100 33.24 -31.04 -0.39
N THR A 101 34.10 -30.07 -0.06
CA THR A 101 34.09 -28.79 -0.74
C THR A 101 34.25 -29.00 -2.23
N LEU A 102 35.33 -29.67 -2.59
CA LEU A 102 35.61 -30.04 -3.96
C LEU A 102 34.38 -30.58 -4.69
N PHE A 103 33.60 -31.42 -4.03
CA PHE A 103 32.50 -32.12 -4.70
C PHE A 103 31.27 -31.23 -4.86
N VAL A 104 31.11 -30.22 -4.01
CA VAL A 104 29.95 -29.34 -4.09
C VAL A 104 30.16 -28.31 -5.21
N ARG A 105 31.36 -27.73 -5.27
CA ARG A 105 31.73 -26.91 -6.42
C ARG A 105 31.58 -27.72 -7.70
N SER A 106 32.15 -28.91 -7.72
CA SER A 106 32.04 -29.81 -8.87
C SER A 106 30.60 -29.99 -9.31
N ALA A 107 29.69 -30.14 -8.35
CA ALA A 107 28.31 -30.42 -8.69
C ALA A 107 27.66 -29.19 -9.34
N ALA A 108 27.98 -28.01 -8.82
CA ALA A 108 27.53 -26.75 -9.39
C ALA A 108 28.02 -26.60 -10.84
N LEU A 109 29.32 -26.85 -11.03
CA LEU A 109 29.92 -26.81 -12.36
C LEU A 109 29.28 -27.84 -13.32
N VAL A 110 28.95 -29.04 -12.83
CA VAL A 110 28.29 -30.07 -13.65
C VAL A 110 26.95 -29.56 -14.20
N GLU A 111 26.28 -28.71 -13.44
CA GLU A 111 25.01 -28.15 -13.92
C GLU A 111 25.23 -27.12 -15.04
N ARG A 112 26.18 -26.20 -14.84
CA ARG A 112 26.50 -25.22 -15.88
C ARG A 112 26.85 -25.90 -17.21
N GLU A 113 27.41 -27.10 -17.17
CA GLU A 113 27.72 -27.85 -18.38
C GLU A 113 26.49 -28.60 -18.91
N LEU A 114 25.47 -28.74 -18.08
CA LEU A 114 24.25 -29.39 -18.50
C LEU A 114 23.31 -28.38 -19.15
N LEU A 115 23.35 -27.15 -18.64
CA LEU A 115 22.44 -26.09 -19.04
C LEU A 115 23.12 -25.00 -19.90
N THR A 116 24.38 -25.26 -20.27
CA THR A 116 25.12 -24.43 -21.23
C THR A 116 26.20 -25.27 -21.94
N PRO A 117 25.80 -26.37 -22.60
CA PRO A 117 26.84 -27.04 -23.40
C PRO A 117 27.01 -26.42 -24.79
N VAL A 129 38.43 -32.73 -21.01
CA VAL A 129 37.60 -33.68 -20.26
C VAL A 129 36.53 -32.97 -19.42
N THR A 130 35.26 -33.34 -19.63
CA THR A 130 34.15 -32.69 -18.96
C THR A 130 34.04 -33.12 -17.50
N MET A 131 33.50 -32.23 -16.66
CA MET A 131 33.30 -32.50 -15.24
C MET A 131 32.42 -33.74 -15.01
N GLU A 132 31.46 -33.97 -15.90
CA GLU A 132 30.63 -35.17 -15.80
C GLU A 132 31.50 -36.43 -15.83
N ASN A 133 32.40 -36.51 -16.79
CA ASN A 133 33.22 -37.70 -16.91
C ASN A 133 34.18 -37.83 -15.74
N MET A 134 34.68 -36.69 -15.26
CA MET A 134 35.60 -36.65 -14.12
C MET A 134 34.99 -37.20 -12.82
N PHE A 135 33.76 -36.78 -12.56
CA PHE A 135 32.99 -37.27 -11.43
C PHE A 135 32.78 -38.77 -11.56
N LEU A 136 32.42 -39.23 -12.76
CA LEU A 136 32.21 -40.65 -13.00
C LEU A 136 33.47 -41.45 -12.78
N PHE A 137 34.63 -40.86 -13.03
CA PHE A 137 35.86 -41.58 -12.83
C PHE A 137 36.04 -41.88 -11.34
N MET A 138 36.07 -40.82 -10.53
CA MET A 138 36.14 -40.96 -9.08
C MET A 138 35.07 -41.90 -8.50
N LEU A 139 33.84 -41.82 -9.01
CA LEU A 139 32.77 -42.72 -8.56
C LEU A 139 33.16 -44.17 -8.76
N ASN A 140 33.65 -44.47 -9.97
CA ASN A 140 34.08 -45.82 -10.30
C ASN A 140 35.18 -46.28 -9.32
N GLU A 141 35.92 -45.29 -8.83
CA GLU A 141 37.06 -45.52 -7.98
C GLU A 141 36.65 -45.83 -6.55
N LEU A 142 35.45 -45.44 -6.19
CA LEU A 142 34.98 -45.63 -4.82
C LEU A 142 34.03 -46.82 -4.65
N LYS A 143 33.37 -47.25 -5.74
CA LYS A 143 32.32 -48.27 -5.68
C LYS A 143 32.68 -49.58 -4.96
N PRO A 144 33.90 -50.10 -5.15
CA PRO A 144 34.18 -51.30 -4.37
C PRO A 144 34.27 -51.05 -2.86
N HIS A 145 34.26 -49.78 -2.45
CA HIS A 145 34.46 -49.43 -1.05
C HIS A 145 33.24 -48.87 -0.33
N LEU A 146 32.09 -48.83 -1.01
CA LEU A 146 30.93 -48.11 -0.48
C LEU A 146 30.47 -48.64 0.86
N LYS A 147 30.41 -49.96 1.00
CA LYS A 147 30.00 -50.55 2.26
C LYS A 147 31.01 -50.21 3.36
N THR A 148 32.30 -50.31 3.06
CA THR A 148 33.31 -49.81 3.99
C THR A 148 33.04 -48.35 4.36
N MET A 149 32.91 -47.49 3.35
CA MET A 149 32.74 -46.05 3.54
C MET A 149 31.58 -45.71 4.45
N MET A 150 30.48 -46.45 4.29
CA MET A 150 29.25 -46.22 5.03
C MET A 150 29.45 -46.20 6.55
N ASN A 151 30.27 -47.11 7.07
CA ASN A 151 30.58 -47.20 8.49
C ASN A 151 31.75 -46.39 8.98
N HIS A 152 32.45 -45.74 8.08
CA HIS A 152 33.67 -45.05 8.42
C HIS A 152 33.36 -43.67 9.01
N GLN A 153 34.02 -43.32 10.10
CA GLN A 153 33.68 -42.06 10.77
C GLN A 153 34.02 -40.78 9.96
N TYR A 154 34.80 -40.91 8.89
CA TYR A 154 35.09 -39.76 8.02
C TYR A 154 34.52 -39.95 6.62
N ALA A 155 34.74 -41.14 6.08
CA ALA A 155 34.34 -41.40 4.72
C ALA A 155 32.83 -41.34 4.57
N SER A 156 32.11 -41.72 5.63
CA SER A 156 30.67 -41.87 5.49
C SER A 156 29.99 -40.54 5.18
N HIS A 157 30.62 -39.44 5.55
CA HIS A 157 30.13 -38.12 5.15
C HIS A 157 30.30 -37.84 3.65
N VAL A 158 31.35 -38.39 3.05
CA VAL A 158 31.56 -38.25 1.62
C VAL A 158 30.52 -39.08 0.88
N LEU A 159 30.23 -40.28 1.37
CA LEU A 159 29.21 -41.14 0.75
C LEU A 159 27.83 -40.48 0.82
N ARG A 160 27.57 -39.78 1.92
CA ARG A 160 26.30 -39.09 2.08
C ARG A 160 26.13 -38.00 1.04
N LEU A 161 27.12 -37.11 1.00
CA LEU A 161 27.18 -36.03 0.02
C LEU A 161 26.99 -36.58 -1.38
N LEU A 162 27.77 -37.59 -1.75
CA LEU A 162 27.72 -38.13 -3.09
C LEU A 162 26.29 -38.51 -3.44
N ILE A 163 25.63 -39.23 -2.54
CA ILE A 163 24.24 -39.62 -2.74
C ILE A 163 23.31 -38.42 -2.94
N LEU A 164 23.57 -37.32 -2.22
CA LEU A 164 22.80 -36.07 -2.42
C LEU A 164 22.95 -35.53 -3.86
N ILE A 165 24.19 -35.25 -4.26
CA ILE A 165 24.52 -34.83 -5.61
C ILE A 165 23.89 -35.70 -6.68
N LEU A 166 24.05 -37.02 -6.56
CA LEU A 166 23.50 -37.96 -7.51
C LEU A 166 21.96 -37.99 -7.54
N SER A 167 21.32 -37.35 -6.57
CA SER A 167 19.86 -37.37 -6.53
C SER A 167 19.29 -35.95 -6.57
N SER A 168 20.15 -34.97 -6.86
CA SER A 168 19.74 -33.58 -7.00
C SER A 168 19.00 -33.05 -5.76
N LYS A 169 19.32 -33.61 -4.61
CA LYS A 169 18.85 -33.06 -3.35
C LYS A 169 19.74 -31.86 -3.02
N THR A 170 19.47 -31.21 -1.90
CA THR A 170 20.08 -29.93 -1.61
C THR A 170 21.38 -30.11 -0.79
N LEU A 171 22.35 -29.23 -1.00
CA LEU A 171 23.73 -29.47 -0.54
C LEU A 171 24.20 -28.57 0.64
N PRO A 172 25.26 -29.00 1.37
CA PRO A 172 25.87 -28.23 2.47
C PRO A 172 26.34 -26.82 2.13
N ASN A 173 26.36 -25.95 3.14
CA ASN A 173 26.62 -24.51 2.99
C ASN A 173 25.66 -23.86 2.01
N ASN A 202 21.29 -23.64 0.65
CA ASN A 202 19.96 -24.14 0.35
C ASN A 202 19.68 -24.28 -1.16
N LYS A 203 20.66 -24.75 -1.92
CA LYS A 203 20.50 -24.85 -3.37
C LYS A 203 20.62 -26.30 -3.89
N VAL A 204 19.85 -26.61 -4.93
CA VAL A 204 19.91 -27.91 -5.61
C VAL A 204 20.52 -27.79 -7.00
N TYR A 205 20.94 -28.91 -7.58
CA TYR A 205 21.56 -28.94 -8.89
C TYR A 205 21.01 -30.05 -9.76
N GLN A 206 20.81 -29.77 -11.05
CA GLN A 206 20.30 -30.78 -11.98
C GLN A 206 21.42 -31.69 -12.49
N THR A 207 21.07 -32.91 -12.84
CA THR A 207 22.08 -33.92 -13.17
C THR A 207 21.82 -34.66 -14.47
N PRO A 208 22.88 -34.91 -15.25
CA PRO A 208 22.77 -35.82 -16.39
C PRO A 208 22.22 -37.18 -15.97
N GLU A 209 21.72 -37.94 -16.94
CA GLU A 209 21.09 -39.21 -16.65
C GLU A 209 22.05 -40.25 -16.04
N SER A 210 23.33 -40.15 -16.37
CA SER A 210 24.33 -41.09 -15.85
C SER A 210 24.47 -41.02 -14.32
N PHE A 211 24.39 -39.81 -13.79
CA PHE A 211 24.34 -39.59 -12.35
C PHE A 211 23.15 -40.33 -11.75
N LYS A 212 22.03 -40.27 -12.44
CA LYS A 212 20.82 -40.96 -12.02
C LYS A 212 21.03 -42.47 -12.05
N SER A 213 21.75 -42.93 -13.07
CA SER A 213 22.01 -44.35 -13.29
C SER A 213 23.04 -44.90 -12.30
N GLU A 214 23.99 -44.04 -11.96
CA GLU A 214 25.00 -44.36 -10.96
C GLU A 214 24.36 -44.49 -9.58
N LEU A 215 23.56 -43.49 -9.19
CA LEU A 215 22.78 -43.59 -7.97
C LEU A 215 22.06 -44.95 -7.87
N ARG A 216 21.30 -45.33 -8.90
CA ARG A 216 20.55 -46.59 -8.85
C ARG A 216 21.48 -47.78 -8.77
N ASP A 217 22.68 -47.64 -9.36
CA ASP A 217 23.66 -48.72 -9.33
C ASP A 217 24.19 -48.95 -7.92
N ILE A 218 24.51 -47.87 -7.20
CA ILE A 218 25.13 -48.02 -5.90
C ILE A 218 24.09 -48.30 -4.81
N ILE A 219 22.84 -47.90 -5.02
CA ILE A 219 21.81 -48.27 -4.06
C ILE A 219 21.67 -49.79 -4.05
N THR A 220 21.64 -50.37 -5.24
CA THR A 220 21.34 -51.80 -5.38
C THR A 220 22.57 -52.65 -5.05
N THR A 221 23.75 -52.06 -5.27
CA THR A 221 25.00 -52.71 -4.94
C THR A 221 25.06 -52.89 -3.42
N LEU A 222 24.73 -51.84 -2.68
CA LEU A 222 24.60 -51.91 -1.22
C LEU A 222 23.52 -52.90 -0.80
N TYR A 223 22.34 -52.80 -1.42
CA TYR A 223 21.25 -53.69 -1.08
C TYR A 223 21.67 -55.14 -1.26
N LYS A 224 22.24 -55.46 -2.42
CA LYS A 224 22.74 -56.80 -2.69
C LYS A 224 23.75 -57.22 -1.61
N GLY A 225 24.62 -56.29 -1.24
CA GLY A 225 25.64 -56.52 -0.24
C GLY A 225 25.19 -56.32 1.19
N PHE A 226 23.90 -56.54 1.43
CA PHE A 226 23.32 -56.36 2.77
C PHE A 226 22.37 -57.49 3.07
N THR A 227 22.21 -58.37 2.10
CA THR A 227 21.20 -59.40 2.14
C THR A 227 21.73 -60.82 1.88
N ASN A 228 23.06 -61.01 2.01
CA ASN A 228 23.71 -62.33 1.90
C ASN A 228 23.23 -63.16 0.72
N GLY A 229 23.15 -62.53 -0.44
CA GLY A 229 22.47 -63.11 -1.58
C GLY A 229 21.65 -61.96 -2.13
N ALA A 230 20.34 -62.11 -2.22
CA ALA A 230 19.64 -63.36 -1.94
C ALA A 230 18.47 -63.48 -2.92
N GLU A 231 17.70 -64.56 -2.78
CA GLU A 231 16.54 -64.85 -3.64
C GLU A 231 15.61 -63.65 -3.80
N SER A 232 14.75 -63.46 -2.80
CA SER A 232 13.80 -62.37 -2.81
C SER A 232 13.50 -61.98 -1.39
N ARG A 233 12.95 -60.77 -1.24
CA ARG A 233 12.44 -60.21 0.01
C ARG A 233 12.02 -61.30 1.00
N SER A 234 11.27 -62.27 0.47
CA SER A 234 10.72 -63.38 1.23
C SER A 234 11.73 -64.42 1.70
N ASP A 235 13.01 -64.23 1.36
CA ASP A 235 14.01 -65.26 1.65
C ASP A 235 15.18 -64.77 2.52
N ILE A 236 14.96 -63.68 3.26
CA ILE A 236 16.02 -63.05 4.01
C ILE A 236 15.96 -63.48 5.47
N SER A 237 17.10 -63.85 6.03
CA SER A 237 17.10 -64.36 7.40
C SER A 237 16.80 -63.28 8.41
N GLN A 238 16.11 -63.67 9.48
CA GLN A 238 15.77 -62.76 10.54
C GLN A 238 17.03 -62.32 11.29
N SER A 239 18.15 -62.91 10.94
CA SER A 239 19.44 -62.51 11.52
C SER A 239 20.14 -61.45 10.65
N THR A 240 19.89 -61.43 9.36
CA THR A 240 20.46 -60.36 8.53
C THR A 240 19.51 -59.17 8.52
N ILE A 241 18.26 -59.39 8.94
CA ILE A 241 17.40 -58.24 9.12
C ILE A 241 17.81 -57.54 10.41
N THR A 242 18.17 -58.31 11.42
CA THR A 242 18.63 -57.73 12.67
C THR A 242 19.95 -56.99 12.45
N LYS A 243 20.82 -57.56 11.62
CA LYS A 243 22.10 -56.94 11.40
C LYS A 243 21.93 -55.65 10.63
N PHE A 244 20.93 -55.58 9.75
CA PHE A 244 20.70 -54.32 9.06
C PHE A 244 20.08 -53.27 9.99
N ARG A 245 19.12 -53.69 10.78
CA ARG A 245 18.53 -52.83 11.81
C ARG A 245 19.60 -52.24 12.72
N GLU A 246 20.59 -53.07 13.03
CA GLU A 246 21.73 -52.67 13.85
C GLU A 246 22.54 -51.50 13.23
N TYR A 247 22.65 -51.49 11.90
CA TYR A 247 23.30 -50.40 11.18
C TYR A 247 22.47 -49.14 11.27
N SER A 248 21.15 -49.29 11.26
CA SER A 248 20.27 -48.14 11.21
C SER A 248 20.27 -47.35 12.52
N VAL A 249 20.78 -47.92 13.61
CA VAL A 249 20.97 -47.18 14.84
C VAL A 249 22.46 -46.94 15.17
N ASP A 250 23.33 -47.17 14.19
CA ASP A 250 24.75 -46.89 14.39
C ASP A 250 24.97 -45.40 14.27
N LYS A 251 25.86 -44.84 15.09
CA LYS A 251 25.97 -43.38 15.09
C LYS A 251 26.52 -42.81 13.77
N VAL A 252 27.23 -43.60 12.96
CA VAL A 252 27.68 -43.04 11.67
C VAL A 252 27.02 -43.70 10.47
N ALA A 253 26.53 -44.92 10.61
CA ALA A 253 25.85 -45.56 9.48
C ALA A 253 24.45 -45.03 9.31
N SER A 254 23.77 -44.74 10.42
CA SER A 254 22.36 -44.34 10.38
C SER A 254 22.00 -43.20 9.42
N PRO A 255 22.80 -42.12 9.36
CA PRO A 255 22.36 -41.08 8.41
C PRO A 255 22.43 -41.52 6.94
N VAL A 256 23.36 -42.41 6.63
CA VAL A 256 23.47 -42.98 5.30
C VAL A 256 22.25 -43.83 4.99
N ILE A 257 21.75 -44.54 5.99
CA ILE A 257 20.61 -45.40 5.76
C ILE A 257 19.31 -44.60 5.65
N GLN A 258 19.23 -43.51 6.42
CA GLN A 258 18.11 -42.57 6.32
C GLN A 258 18.03 -41.98 4.93
N LEU A 259 19.20 -41.58 4.42
CA LEU A 259 19.32 -40.97 3.11
C LEU A 259 18.90 -41.90 1.99
N ILE A 260 19.42 -43.13 2.00
CA ILE A 260 19.09 -44.12 0.99
C ILE A 260 17.58 -44.33 0.96
N ILE A 261 16.98 -44.47 2.14
CA ILE A 261 15.52 -44.63 2.27
C ILE A 261 14.80 -43.39 1.76
N GLN A 262 15.42 -42.24 1.96
CA GLN A 262 14.88 -41.00 1.47
C GLN A 262 14.80 -40.96 -0.07
N VAL A 263 15.75 -41.61 -0.75
CA VAL A 263 15.88 -41.44 -2.20
C VAL A 263 15.66 -42.74 -2.97
N GLU A 264 15.41 -43.82 -2.25
CA GLU A 264 15.14 -45.10 -2.87
C GLU A 264 13.92 -45.04 -3.80
N GLY A 265 12.91 -44.27 -3.42
CA GLY A 265 11.65 -44.23 -4.17
C GLY A 265 11.77 -43.80 -5.63
N ILE A 266 12.89 -43.17 -5.97
CA ILE A 266 13.15 -42.69 -7.31
C ILE A 266 13.20 -43.81 -8.34
N PHE A 267 13.60 -45.01 -7.92
CA PHE A 267 13.51 -46.18 -8.82
C PHE A 267 12.67 -47.30 -8.20
N ASP A 268 12.99 -47.65 -6.96
CA ASP A 268 12.34 -48.77 -6.28
C ASP A 268 10.94 -48.39 -5.83
N ARG A 269 9.94 -48.76 -6.62
CA ARG A 269 8.58 -48.42 -6.26
C ARG A 269 8.09 -49.43 -5.24
N ASP A 270 8.95 -50.38 -4.89
CA ASP A 270 8.70 -51.34 -3.81
C ASP A 270 9.45 -50.99 -2.50
N ARG A 271 10.46 -50.14 -2.60
CA ARG A 271 11.18 -49.60 -1.46
C ARG A 271 11.87 -50.65 -0.62
N SER A 272 12.77 -51.40 -1.27
CA SER A 272 13.49 -52.53 -0.65
C SER A 272 14.06 -52.22 0.73
N PHE A 273 14.69 -51.06 0.89
CA PHE A 273 15.38 -50.71 2.12
C PHE A 273 14.42 -50.45 3.29
N TRP A 274 13.32 -49.73 3.04
CA TRP A 274 12.26 -49.67 4.03
C TRP A 274 11.93 -51.08 4.50
N ARG A 275 11.53 -51.93 3.55
CA ARG A 275 11.13 -53.31 3.87
C ARG A 275 12.24 -54.13 4.50
N LEU A 276 13.48 -53.66 4.43
CA LEU A 276 14.55 -54.30 5.17
C LEU A 276 14.42 -54.01 6.67
N VAL A 277 13.92 -52.81 6.98
CA VAL A 277 13.87 -52.32 8.37
C VAL A 277 12.57 -52.67 9.08
N PHE A 278 11.45 -52.27 8.49
CA PHE A 278 10.12 -52.51 9.07
C PHE A 278 9.32 -53.54 8.28
N ASN A 279 8.40 -54.22 8.97
CA ASN A 279 7.54 -55.22 8.32
C ASN A 279 6.35 -54.56 7.64
N THR A 280 5.35 -55.37 7.28
CA THR A 280 4.21 -54.82 6.55
C THR A 280 2.82 -55.38 6.94
N ALA A 281 2.77 -56.38 7.82
CA ALA A 281 1.49 -56.97 8.22
C ALA A 281 0.78 -56.20 9.35
N ASP A 282 -0.55 -56.34 9.43
CA ASP A 282 -1.34 -55.59 10.41
C ASP A 282 -1.22 -56.10 11.84
N GLU A 283 -0.12 -56.76 12.17
CA GLU A 283 0.09 -57.17 13.55
C GLU A 283 1.53 -56.95 14.01
N LYS A 284 1.64 -56.71 15.31
CA LYS A 284 2.92 -56.56 15.94
C LYS A 284 3.70 -57.85 15.75
N ASP A 285 5.00 -57.71 15.54
CA ASP A 285 5.94 -58.81 15.47
C ASP A 285 6.87 -58.59 16.67
N PRO A 286 7.12 -59.63 17.48
CA PRO A 286 7.93 -59.43 18.70
C PRO A 286 9.32 -58.80 18.45
N LYS A 287 9.96 -59.10 17.32
CA LYS A 287 11.26 -58.53 17.01
C LYS A 287 11.13 -57.08 16.54
N GLU A 288 10.12 -56.80 15.71
CA GLU A 288 9.87 -55.44 15.26
C GLU A 288 9.49 -54.55 16.43
N GLU A 289 8.67 -55.10 17.33
CA GLU A 289 8.19 -54.35 18.49
C GLU A 289 9.33 -54.00 19.42
N SER A 290 10.17 -54.98 19.75
CA SER A 290 11.33 -54.72 20.58
C SER A 290 12.21 -53.66 19.92
N PHE A 291 12.33 -53.74 18.60
CA PHE A 291 13.07 -52.75 17.85
C PHE A 291 12.42 -51.35 17.93
N LEU A 292 11.12 -51.29 17.69
CA LEU A 292 10.43 -50.00 17.71
C LEU A 292 10.57 -49.33 19.08
N GLU A 293 10.52 -50.10 20.17
CA GLU A 293 10.64 -49.52 21.51
C GLU A 293 12.00 -48.92 21.70
N TYR A 294 13.02 -49.53 21.12
CA TYR A 294 14.37 -49.00 21.27
C TYR A 294 14.52 -47.72 20.48
N LEU A 295 13.92 -47.66 19.29
CA LEU A 295 13.99 -46.45 18.46
C LEU A 295 13.34 -45.29 19.19
N LEU A 296 12.25 -45.61 19.86
CA LEU A 296 11.44 -44.65 20.62
C LEU A 296 12.11 -44.16 21.90
N SER A 297 13.18 -44.83 22.34
CA SER A 297 13.87 -44.43 23.57
C SER A 297 15.36 -44.07 23.42
N ASP A 298 15.84 -44.04 22.18
CA ASP A 298 17.24 -43.87 21.89
C ASP A 298 17.43 -42.67 21.00
N PRO A 299 18.35 -41.76 21.34
CA PRO A 299 18.61 -40.60 20.49
C PRO A 299 18.82 -40.95 19.02
N VAL A 300 19.83 -41.74 18.69
CA VAL A 300 20.11 -42.06 17.28
C VAL A 300 18.90 -42.71 16.59
N GLY A 301 18.27 -43.66 17.26
CA GLY A 301 17.07 -44.30 16.75
C GLY A 301 15.85 -43.38 16.64
N SER A 302 15.84 -42.32 17.46
CA SER A 302 14.80 -41.29 17.38
C SER A 302 14.96 -40.45 16.12
N HIS A 303 16.19 -40.02 15.86
CA HIS A 303 16.51 -39.32 14.64
C HIS A 303 16.12 -40.15 13.44
N PHE A 304 16.54 -41.41 13.45
CA PHE A 304 16.30 -42.29 12.33
C PHE A 304 14.79 -42.46 12.11
N LEU A 305 14.01 -42.68 13.17
CA LEU A 305 12.59 -42.83 12.98
C LEU A 305 11.95 -41.55 12.47
N GLU A 306 12.42 -40.41 12.94
CA GLU A 306 11.74 -39.18 12.57
C GLU A 306 12.13 -38.70 11.18
N ASN A 307 13.37 -38.97 10.79
CA ASN A 307 13.86 -38.54 9.49
C ASN A 307 13.28 -39.43 8.40
N VAL A 308 12.84 -40.60 8.79
CA VAL A 308 12.46 -41.64 7.85
C VAL A 308 10.95 -41.67 7.65
N ILE A 309 10.20 -41.22 8.66
CA ILE A 309 8.74 -41.11 8.53
C ILE A 309 8.42 -40.02 7.51
N GLY A 310 9.29 -39.03 7.43
CA GLY A 310 9.13 -37.96 6.45
C GLY A 310 9.37 -38.39 5.01
N SER A 311 9.61 -39.68 4.78
CA SER A 311 9.85 -40.18 3.43
C SER A 311 9.40 -41.64 3.26
N ALA A 312 8.59 -42.13 4.19
CA ALA A 312 7.97 -43.44 4.02
C ALA A 312 6.58 -43.24 3.48
N ARG A 313 6.09 -44.19 2.69
CA ARG A 313 4.75 -44.04 2.16
C ARG A 313 3.70 -44.13 3.27
N LEU A 314 2.74 -43.21 3.20
CA LEU A 314 1.78 -42.94 4.27
C LEU A 314 1.16 -44.20 4.87
N LYS A 315 0.94 -45.18 4.00
CA LYS A 315 0.35 -46.47 4.39
C LYS A 315 1.28 -47.19 5.34
N TYR A 316 2.59 -47.06 5.15
CA TYR A 316 3.56 -47.70 6.04
C TYR A 316 3.75 -46.94 7.35
N VAL A 317 3.60 -45.61 7.28
CA VAL A 317 3.68 -44.79 8.48
C VAL A 317 2.43 -44.97 9.35
N GLU A 318 1.26 -44.98 8.74
CA GLU A 318 0.01 -45.26 9.48
C GLU A 318 0.05 -46.63 10.19
N ARG A 319 0.73 -47.60 9.59
CA ARG A 319 0.86 -48.92 10.20
C ARG A 319 1.69 -48.89 11.50
N LEU A 320 2.81 -48.18 11.49
CA LEU A 320 3.65 -48.06 12.68
C LEU A 320 2.94 -47.28 13.77
N TYR A 321 2.21 -46.24 13.35
CA TYR A 321 1.43 -45.46 14.29
C TYR A 321 0.43 -46.33 15.02
N ARG A 322 -0.48 -46.96 14.27
CA ARG A 322 -1.59 -47.72 14.86
C ARG A 322 -1.09 -48.94 15.67
N LEU A 323 -0.08 -49.64 15.14
CA LEU A 323 0.51 -50.76 15.86
C LEU A 323 1.34 -50.40 17.11
N TYR A 324 2.21 -49.38 17.04
CA TYR A 324 3.18 -49.19 18.11
C TYR A 324 3.15 -47.87 18.90
N MET A 325 2.33 -46.89 18.49
CA MET A 325 2.36 -45.59 19.17
C MET A 325 1.00 -45.01 19.53
N LYS A 326 0.01 -45.19 18.66
CA LYS A 326 -1.35 -44.66 18.82
C LYS A 326 -1.88 -44.59 20.27
N ASP A 327 -1.77 -45.69 20.99
CA ASP A 327 -2.33 -45.84 22.33
C ASP A 327 -1.33 -45.51 23.42
N ARG A 328 -0.29 -44.76 23.07
CA ARG A 328 0.79 -44.49 23.98
C ARG A 328 1.27 -43.06 23.81
N ILE A 329 0.47 -42.27 23.08
CA ILE A 329 0.99 -41.07 22.43
C ILE A 329 1.42 -40.02 23.46
N VAL A 330 0.77 -39.98 24.61
CA VAL A 330 1.22 -39.03 25.63
C VAL A 330 2.54 -39.46 26.28
N LYS A 331 2.66 -40.73 26.65
CA LYS A 331 3.89 -41.23 27.28
C LYS A 331 5.10 -40.97 26.41
N LEU A 332 4.92 -41.14 25.11
CA LEU A 332 6.01 -40.89 24.17
C LEU A 332 6.29 -39.39 24.05
N ALA A 333 5.23 -38.59 24.04
CA ALA A 333 5.37 -37.14 23.97
C ALA A 333 6.22 -36.59 25.12
N LYS A 334 6.20 -37.27 26.27
CA LYS A 334 6.94 -36.79 27.43
C LYS A 334 8.44 -37.10 27.35
N ARG A 335 8.85 -37.93 26.39
CA ARG A 335 10.26 -38.25 26.25
C ARG A 335 11.00 -37.18 25.42
N ASP A 336 11.39 -36.09 26.06
CA ASP A 336 11.79 -34.90 25.29
C ASP A 336 12.95 -35.08 24.31
N THR A 337 13.88 -35.99 24.59
CA THR A 337 15.08 -36.10 23.77
C THR A 337 15.03 -37.26 22.80
N THR A 338 14.03 -38.12 23.00
CA THR A 338 13.89 -39.33 22.21
C THR A 338 12.43 -39.73 22.06
N GLY A 339 11.75 -39.37 20.99
CA GLY A 339 10.43 -39.93 20.88
C GLY A 339 9.36 -38.87 20.81
N ALA A 340 9.54 -37.84 21.60
CA ALA A 340 8.87 -36.58 21.38
C ALA A 340 9.06 -36.20 19.90
N PHE A 341 10.28 -36.35 19.40
CA PHE A 341 10.60 -36.01 18.02
C PHE A 341 9.88 -36.90 17.03
N VAL A 342 9.58 -38.13 17.44
CA VAL A 342 8.80 -39.00 16.57
C VAL A 342 7.36 -38.52 16.59
N VAL A 343 6.87 -38.08 17.74
CA VAL A 343 5.52 -37.51 17.77
C VAL A 343 5.42 -36.26 16.87
N ARG A 344 6.45 -35.40 16.86
CA ARG A 344 6.44 -34.24 15.98
C ARG A 344 6.33 -34.68 14.52
N ALA A 345 7.03 -35.76 14.17
CA ALA A 345 7.04 -36.23 12.80
C ALA A 345 5.68 -36.79 12.43
N LEU A 346 5.03 -37.49 13.37
CA LEU A 346 3.66 -37.95 13.12
C LEU A 346 2.72 -36.76 12.85
N LEU A 347 2.85 -35.70 13.64
CA LEU A 347 2.04 -34.50 13.47
C LEU A 347 2.18 -33.84 12.11
N GLU A 348 3.31 -34.03 11.45
CA GLU A 348 3.52 -33.43 10.12
C GLU A 348 3.06 -34.32 8.97
N HIS A 349 3.15 -35.63 9.14
CA HIS A 349 3.02 -36.52 7.99
C HIS A 349 1.85 -37.48 8.11
N LEU A 350 1.07 -37.39 9.17
CA LEU A 350 -0.16 -38.16 9.21
C LEU A 350 -1.22 -37.30 8.57
N LYS A 351 -2.40 -37.87 8.34
CA LYS A 351 -3.50 -37.14 7.69
C LYS A 351 -4.46 -36.53 8.71
N GLU A 352 -5.34 -35.65 8.25
CA GLU A 352 -6.24 -34.87 9.11
C GLU A 352 -6.77 -35.62 10.34
N LYS A 353 -7.52 -36.71 10.14
CA LYS A 353 -8.19 -37.39 11.26
C LYS A 353 -7.27 -37.81 12.41
N ASP A 354 -6.07 -38.26 12.07
CA ASP A 354 -5.16 -38.80 13.07
C ASP A 354 -4.31 -37.73 13.76
N VAL A 355 -3.94 -36.65 13.08
CA VAL A 355 -3.16 -35.65 13.81
C VAL A 355 -4.11 -34.96 14.81
N LYS A 356 -5.42 -35.01 14.53
CA LYS A 356 -6.41 -34.46 15.46
C LYS A 356 -6.49 -35.30 16.73
N GLN A 357 -6.42 -36.63 16.58
CA GLN A 357 -6.45 -37.52 17.73
C GLN A 357 -5.24 -37.27 18.61
N ILE A 358 -4.10 -37.05 17.97
CA ILE A 358 -2.90 -36.80 18.73
C ILE A 358 -3.04 -35.45 19.43
N LEU A 359 -3.55 -34.45 18.73
CA LEU A 359 -3.76 -33.14 19.35
C LEU A 359 -4.73 -33.24 20.52
N ASP A 360 -5.78 -34.04 20.37
CA ASP A 360 -6.71 -34.23 21.47
C ASP A 360 -5.98 -34.76 22.71
N ALA A 361 -4.98 -35.61 22.48
CA ALA A 361 -4.32 -36.25 23.59
C ALA A 361 -3.30 -35.32 24.20
N VAL A 362 -2.63 -34.56 23.35
CA VAL A 362 -1.42 -33.91 23.77
C VAL A 362 -1.65 -32.48 24.23
N VAL A 363 -2.61 -31.76 23.65
CA VAL A 363 -2.83 -30.38 24.05
C VAL A 363 -3.18 -30.20 25.54
N PRO A 364 -4.07 -31.04 26.11
CA PRO A 364 -4.18 -30.94 27.57
C PRO A 364 -2.87 -31.08 28.38
N GLU A 365 -1.79 -31.55 27.75
CA GLU A 365 -0.53 -31.82 28.47
C GLU A 365 0.53 -30.76 28.20
N LEU A 366 0.22 -29.86 27.28
CA LEU A 366 1.23 -29.02 26.64
C LEU A 366 2.05 -28.17 27.63
N SER A 367 1.39 -27.54 28.60
CA SER A 367 2.10 -26.65 29.52
C SER A 367 3.12 -27.42 30.37
N MET A 368 2.80 -28.67 30.69
CA MET A 368 3.74 -29.52 31.40
C MET A 368 4.91 -29.93 30.49
N LEU A 369 4.60 -30.22 29.23
CA LEU A 369 5.61 -30.53 28.24
C LEU A 369 6.52 -29.35 27.92
N LEU A 370 6.10 -28.13 28.22
CA LEU A 370 6.94 -26.99 27.90
C LEU A 370 7.98 -26.74 28.99
N ASN A 371 7.97 -27.55 30.04
CA ASN A 371 8.90 -27.35 31.16
C ASN A 371 10.34 -27.64 30.79
N SER A 372 10.53 -28.38 29.71
CA SER A 372 11.87 -28.72 29.28
C SER A 372 11.97 -28.61 27.78
N ASN A 373 11.01 -29.20 27.08
CA ASN A 373 11.04 -29.29 25.63
C ASN A 373 10.21 -28.23 24.91
N MET A 374 10.76 -27.03 24.82
CA MET A 374 10.08 -25.88 24.22
C MET A 374 9.75 -26.06 22.73
N ASP A 375 10.51 -26.90 22.05
CA ASP A 375 10.31 -27.04 20.61
C ASP A 375 9.16 -27.98 20.30
N PHE A 376 8.63 -28.64 21.32
CA PHE A 376 7.41 -29.38 21.12
C PHE A 376 6.26 -28.38 21.00
N GLY A 377 6.45 -27.20 21.59
CA GLY A 377 5.49 -26.11 21.44
C GLY A 377 5.30 -25.70 19.99
N THR A 378 6.41 -25.60 19.27
CA THR A 378 6.34 -25.22 17.87
C THR A 378 5.65 -26.27 17.02
N ALA A 379 5.86 -27.54 17.36
CA ALA A 379 5.27 -28.62 16.57
C ALA A 379 3.75 -28.63 16.71
N ILE A 380 3.26 -28.26 17.90
CA ILE A 380 1.83 -28.24 18.15
C ILE A 380 1.16 -26.99 17.62
N ILE A 381 1.83 -25.84 17.72
CA ILE A 381 1.31 -24.63 17.11
C ILE A 381 1.15 -24.83 15.61
N ASN A 382 2.21 -25.32 14.97
CA ASN A 382 2.22 -25.58 13.52
C ASN A 382 1.18 -26.60 13.10
N ALA A 383 1.02 -27.66 13.88
CA ALA A 383 0.05 -28.71 13.55
C ALA A 383 -1.36 -28.19 13.67
N SER A 384 -1.60 -27.39 14.71
CA SER A 384 -2.92 -26.85 14.97
C SER A 384 -3.32 -25.94 13.83
N ASN A 385 -2.36 -25.17 13.32
CA ASN A 385 -2.64 -24.29 12.20
C ASN A 385 -2.93 -25.07 10.91
N LYS A 386 -2.18 -26.13 10.68
CA LYS A 386 -2.35 -26.96 9.51
C LYS A 386 -3.77 -27.58 9.45
N GLN A 387 -4.36 -27.84 10.61
CA GLN A 387 -5.71 -28.39 10.65
C GLN A 387 -6.77 -27.32 10.90
N GLY A 388 -6.61 -26.16 10.27
CA GLY A 388 -7.59 -25.10 10.39
C GLY A 388 -7.83 -24.57 11.79
N GLY A 389 -6.76 -24.36 12.54
CA GLY A 389 -6.90 -23.78 13.86
C GLY A 389 -7.51 -24.74 14.87
N TYR A 390 -7.45 -26.03 14.57
CA TYR A 390 -7.98 -27.03 15.48
C TYR A 390 -7.45 -26.82 16.91
N LEU A 391 -8.37 -26.79 17.88
CA LEU A 391 -8.04 -26.64 19.30
C LEU A 391 -7.18 -25.40 19.60
N ARG A 392 -7.13 -24.45 18.67
CA ARG A 392 -6.35 -23.22 18.79
C ARG A 392 -6.50 -22.45 20.10
N ASP A 393 -7.73 -22.36 20.59
CA ASP A 393 -7.93 -21.65 21.84
C ASP A 393 -7.29 -22.38 23.00
N ASP A 394 -7.38 -23.71 23.00
CA ASP A 394 -6.78 -24.51 24.08
C ASP A 394 -5.26 -24.40 24.10
N VAL A 395 -4.63 -24.31 22.92
CA VAL A 395 -3.17 -24.18 22.79
C VAL A 395 -2.69 -22.85 23.36
N ILE A 396 -3.43 -21.80 23.05
CA ILE A 396 -3.16 -20.48 23.59
C ILE A 396 -3.37 -20.48 25.09
N ALA A 397 -4.43 -21.12 25.56
CA ALA A 397 -4.64 -21.22 26.99
C ALA A 397 -3.41 -21.87 27.68
N GLN A 398 -2.84 -22.89 27.03
CA GLN A 398 -1.76 -23.68 27.62
C GLN A 398 -0.45 -22.89 27.62
N LEU A 399 -0.16 -22.25 26.49
CA LEU A 399 1.01 -21.41 26.38
C LEU A 399 1.01 -20.33 27.45
N ILE A 400 -0.14 -19.67 27.61
CA ILE A 400 -0.24 -18.61 28.61
C ILE A 400 -0.08 -19.20 30.01
N GLN A 401 -0.77 -20.30 30.26
CA GLN A 401 -0.66 -21.05 31.53
C GLN A 401 0.81 -21.29 31.95
N LYS A 402 1.67 -21.58 30.99
CA LYS A 402 3.09 -21.80 31.26
C LYS A 402 3.89 -20.49 31.38
N TYR A 403 3.76 -19.61 30.39
CA TYR A 403 4.66 -18.47 30.28
C TYR A 403 4.15 -17.19 30.95
N TYR A 404 2.84 -17.12 31.15
CA TYR A 404 2.22 -15.93 31.75
C TYR A 404 0.97 -16.26 32.53
N PRO A 405 1.10 -17.09 33.56
CA PRO A 405 -0.11 -17.53 34.27
C PRO A 405 -0.83 -16.35 34.94
N GLU A 406 -2.03 -16.06 34.45
CA GLU A 406 -2.84 -14.95 34.91
C GLU A 406 -2.81 -14.72 36.42
N LYS A 407 -3.18 -15.78 37.16
CA LYS A 407 -3.23 -15.78 38.63
C LYS A 407 -2.07 -15.06 39.33
N SER A 408 -0.85 -15.50 39.06
CA SER A 408 0.30 -15.03 39.86
C SER A 408 0.76 -13.61 39.59
N ASP A 409 1.62 -13.10 40.48
CA ASP A 409 2.40 -11.89 40.23
C ASP A 409 3.68 -12.34 39.57
N ALA A 410 4.62 -11.41 39.41
CA ALA A 410 5.92 -11.71 38.80
C ALA A 410 5.77 -12.34 37.42
N LYS A 411 4.54 -12.33 36.89
CA LYS A 411 4.29 -12.69 35.51
C LYS A 411 5.21 -11.88 34.63
N ASN A 412 6.07 -12.54 33.90
CA ASN A 412 6.89 -11.84 32.95
C ASN A 412 7.39 -12.82 31.91
N ILE A 413 6.87 -12.72 30.70
CA ILE A 413 7.19 -13.71 29.66
C ILE A 413 8.65 -13.60 29.26
N LEU A 414 9.31 -12.50 29.61
CA LEU A 414 10.74 -12.38 29.35
C LEU A 414 11.56 -13.21 30.34
N GLU A 415 11.03 -13.41 31.54
CA GLU A 415 11.65 -14.33 32.50
C GLU A 415 11.22 -15.77 32.25
N SER A 416 9.92 -16.00 32.10
CA SER A 416 9.39 -17.33 31.81
C SER A 416 9.98 -17.97 30.57
N CYS A 417 10.17 -17.17 29.53
CA CYS A 417 10.41 -17.74 28.23
C CYS A 417 11.83 -17.51 27.74
N LEU A 418 12.47 -16.46 28.25
CA LEU A 418 13.86 -16.20 27.89
C LEU A 418 14.83 -16.41 29.04
N LEU A 419 14.31 -16.58 30.25
CA LEU A 419 15.14 -16.66 31.48
C LEU A 419 16.09 -15.48 31.53
N LEU A 420 15.50 -14.29 31.44
CA LEU A 420 16.23 -13.06 31.22
C LEU A 420 17.23 -12.79 32.35
N SER A 421 16.83 -13.10 33.57
CA SER A 421 17.61 -12.70 34.75
C SER A 421 18.86 -13.55 34.88
N ALA A 422 18.76 -14.81 34.44
CA ALA A 422 19.90 -15.72 34.47
C ALA A 422 20.59 -15.80 33.13
N SER A 423 20.68 -14.68 32.43
CA SER A 423 21.17 -14.70 31.07
C SER A 423 22.38 -13.82 30.86
N THR A 424 22.91 -13.85 29.65
CA THR A 424 24.08 -13.06 29.31
C THR A 424 23.76 -11.59 29.21
N LEU A 425 22.52 -11.20 29.55
CA LEU A 425 22.13 -9.82 29.36
C LEU A 425 22.74 -8.91 30.42
N GLY A 426 23.60 -8.00 29.98
CA GLY A 426 24.25 -7.04 30.85
C GLY A 426 25.36 -7.58 31.73
N ASN A 427 26.41 -8.18 31.13
CA ASN A 427 27.56 -8.63 31.93
C ASN A 427 28.81 -7.80 31.74
N THR A 428 29.48 -7.52 32.85
CA THR A 428 30.81 -6.98 32.81
C THR A 428 31.75 -8.09 32.35
N ARG A 429 31.32 -9.33 32.56
CA ARG A 429 32.12 -10.53 32.31
C ARG A 429 32.52 -10.77 30.83
N ASP A 430 32.08 -9.90 29.93
CA ASP A 430 32.42 -9.98 28.50
C ASP A 430 31.97 -11.27 27.80
N ASP A 431 30.82 -11.81 28.24
CA ASP A 431 30.22 -12.97 27.60
C ASP A 431 29.46 -12.63 26.31
N TRP A 432 29.45 -13.56 25.36
CA TRP A 432 28.68 -13.40 24.14
C TRP A 432 27.36 -14.16 24.32
N PRO A 433 26.29 -13.71 23.63
CA PRO A 433 24.99 -14.40 23.58
C PRO A 433 25.13 -15.88 23.30
N THR A 434 24.26 -16.73 23.84
CA THR A 434 24.38 -18.17 23.65
C THR A 434 23.42 -18.70 22.57
N ALA A 435 23.40 -20.02 22.38
CA ALA A 435 22.54 -20.63 21.36
C ALA A 435 21.15 -20.97 21.90
N GLU A 436 21.06 -21.18 23.21
CA GLU A 436 19.77 -21.37 23.85
C GLU A 436 19.05 -20.03 23.94
N GLU A 437 19.84 -18.97 24.07
CA GLU A 437 19.29 -17.63 24.04
C GLU A 437 18.68 -17.35 22.67
N ARG A 438 19.43 -17.64 21.60
CA ARG A 438 18.91 -17.44 20.26
C ARG A 438 17.67 -18.31 20.07
N ARG A 439 17.68 -19.50 20.66
CA ARG A 439 16.61 -20.45 20.45
C ARG A 439 15.34 -20.01 21.16
N ARG A 440 15.50 -19.49 22.38
CA ARG A 440 14.35 -19.03 23.15
C ARG A 440 13.76 -17.77 22.52
N SER A 441 14.62 -16.87 22.07
CA SER A 441 14.23 -15.66 21.36
C SER A 441 13.36 -15.93 20.14
N VAL A 442 13.76 -16.90 19.35
CA VAL A 442 13.04 -17.24 18.14
C VAL A 442 11.68 -17.84 18.51
N PHE A 443 11.63 -18.56 19.63
CA PHE A 443 10.39 -19.17 20.08
C PHE A 443 9.41 -18.08 20.51
N LEU A 444 9.91 -17.08 21.23
CA LEU A 444 9.12 -15.92 21.64
C LEU A 444 8.53 -15.23 20.41
N GLU A 445 9.39 -14.95 19.44
CA GLU A 445 8.99 -14.27 18.20
C GLU A 445 7.87 -15.03 17.49
N GLN A 446 7.94 -16.35 17.48
CA GLN A 446 6.93 -17.12 16.77
C GLN A 446 5.64 -17.12 17.52
N LEU A 447 5.75 -16.96 18.83
CA LEU A 447 4.62 -16.79 19.70
C LEU A 447 3.92 -15.45 19.43
N ILE A 448 4.71 -14.41 19.16
CA ILE A 448 4.19 -13.10 18.84
C ILE A 448 3.45 -13.13 17.49
N ASP A 449 4.02 -13.81 16.51
CA ASP A 449 3.35 -14.12 15.24
C ASP A 449 2.03 -14.88 15.43
N TYR A 450 1.99 -15.74 16.43
CA TYR A 450 0.89 -16.67 16.57
C TYR A 450 -0.41 -15.93 16.88
N ASP A 451 -0.39 -15.11 17.91
CA ASP A 451 -1.57 -14.36 18.31
C ASP A 451 -1.26 -13.00 18.93
N ASP A 452 -2.24 -12.09 18.92
CA ASP A 452 -2.03 -10.76 19.48
C ASP A 452 -1.89 -10.80 21.01
N LYS A 453 -2.52 -11.78 21.67
CA LYS A 453 -2.40 -11.93 23.12
C LYS A 453 -0.93 -11.98 23.53
N PHE A 454 -0.11 -12.63 22.71
CA PHE A 454 1.30 -12.80 23.07
C PHE A 454 2.05 -11.54 22.74
N LEU A 455 1.66 -10.84 21.67
CA LEU A 455 2.25 -9.54 21.39
C LEU A 455 2.04 -8.58 22.54
N ASN A 456 0.84 -8.56 23.06
CA ASN A 456 0.52 -7.73 24.22
C ASN A 456 1.25 -8.16 25.47
N ILE A 457 1.37 -9.45 25.67
CA ILE A 457 1.97 -9.96 26.89
C ILE A 457 3.44 -9.55 27.00
N THR A 458 4.19 -9.63 25.91
CA THR A 458 5.62 -9.36 26.02
C THR A 458 5.85 -7.85 26.06
N ILE A 459 4.92 -7.08 25.50
CA ILE A 459 5.05 -5.63 25.63
C ILE A 459 4.83 -5.21 27.10
N ASP A 460 3.74 -5.67 27.70
CA ASP A 460 3.56 -5.50 29.13
C ASP A 460 4.79 -6.01 29.92
N SER A 461 5.34 -7.14 29.50
CA SER A 461 6.49 -7.71 30.19
C SER A 461 7.70 -6.80 30.04
N MET A 462 7.86 -6.20 28.87
CA MET A 462 8.96 -5.25 28.66
C MET A 462 8.82 -3.96 29.48
N LEU A 463 7.59 -3.53 29.74
CA LEU A 463 7.34 -2.32 30.52
C LEU A 463 7.47 -2.56 32.00
N ALA A 464 7.16 -3.79 32.42
CA ALA A 464 7.39 -4.22 33.80
C ALA A 464 8.87 -4.27 34.14
N LEU A 465 9.74 -4.51 33.16
CA LEU A 465 11.18 -4.43 33.41
C LEU A 465 11.55 -3.06 33.93
N PRO A 466 12.64 -2.97 34.70
CA PRO A 466 13.29 -1.66 34.90
C PRO A 466 13.73 -1.10 33.55
N GLU A 467 13.46 0.18 33.27
CA GLU A 467 13.92 0.85 32.04
C GLU A 467 15.35 0.43 31.69
N GLU A 468 16.21 0.54 32.69
CA GLU A 468 17.59 0.10 32.66
C GLU A 468 17.80 -1.20 31.86
N ARG A 469 16.97 -2.20 32.16
CA ARG A 469 17.13 -3.54 31.62
C ARG A 469 16.56 -3.69 30.19
N LEU A 470 15.44 -3.01 29.91
CA LEU A 470 14.93 -3.01 28.54
C LEU A 470 15.92 -2.34 27.58
N ILE A 471 16.58 -1.27 28.02
CA ILE A 471 17.60 -0.61 27.18
C ILE A 471 18.69 -1.60 26.84
N GLN A 472 19.09 -2.42 27.80
CA GLN A 472 20.19 -3.35 27.58
C GLN A 472 19.89 -4.30 26.43
N MET A 473 18.67 -4.84 26.39
CA MET A 473 18.27 -5.78 25.34
C MET A 473 18.45 -5.23 23.94
N CYS A 474 18.49 -3.91 23.81
CA CYS A 474 18.65 -3.24 22.52
C CYS A 474 20.07 -3.32 22.03
N TYR A 475 20.98 -3.55 22.96
CA TYR A 475 22.40 -3.63 22.61
C TYR A 475 22.88 -5.07 22.50
N HIS A 476 21.94 -6.00 22.62
CA HIS A 476 22.24 -7.42 22.69
C HIS A 476 22.04 -8.09 21.34
N GLY A 477 23.09 -8.73 20.83
CA GLY A 477 23.05 -9.43 19.57
C GLY A 477 21.81 -10.25 19.30
N VAL A 478 21.33 -10.94 20.33
CA VAL A 478 20.20 -11.83 20.16
C VAL A 478 18.90 -11.15 20.59
N PHE A 479 18.93 -10.52 21.76
CA PHE A 479 17.69 -10.02 22.34
C PHE A 479 17.17 -8.77 21.65
N SER A 480 18.04 -8.03 20.97
CA SER A 480 17.61 -6.87 20.18
C SER A 480 16.57 -7.26 19.14
N HIS A 481 16.64 -8.50 18.67
CA HIS A 481 15.66 -9.01 17.73
C HIS A 481 14.30 -9.13 18.39
N VAL A 482 14.27 -9.26 19.71
CA VAL A 482 13.00 -9.48 20.39
C VAL A 482 12.29 -8.14 20.51
N VAL A 483 13.04 -7.10 20.88
CA VAL A 483 12.54 -5.73 20.92
C VAL A 483 12.05 -5.33 19.54
N GLU A 484 12.90 -5.55 18.54
CA GLU A 484 12.56 -5.20 17.16
C GLU A 484 11.25 -5.87 16.76
N HIS A 485 10.99 -7.06 17.28
CA HIS A 485 9.87 -7.88 16.81
C HIS A 485 8.53 -7.38 17.35
N VAL A 486 8.62 -6.58 18.40
CA VAL A 486 7.48 -6.08 19.11
C VAL A 486 6.97 -4.82 18.41
N LEU A 487 7.88 -4.07 17.79
CA LEU A 487 7.57 -2.82 17.11
C LEU A 487 6.70 -2.96 15.83
N GLN A 488 5.53 -3.56 15.99
CA GLN A 488 4.55 -3.75 14.92
C GLN A 488 3.38 -2.77 14.98
N THR A 489 3.54 -1.65 14.26
CA THR A 489 2.68 -0.47 14.34
C THR A 489 1.17 -0.74 14.30
N THR A 490 0.67 -1.33 13.23
CA THR A 490 -0.77 -1.56 13.13
C THR A 490 -1.34 -2.57 14.13
N ARG A 491 -0.46 -3.18 14.91
CA ARG A 491 -0.85 -4.31 15.76
C ARG A 491 -0.83 -3.96 17.26
N VAL A 492 -0.12 -2.88 17.60
CA VAL A 492 0.04 -2.39 18.97
C VAL A 492 -0.69 -1.05 19.17
N ASP A 493 -1.66 -1.01 20.09
CA ASP A 493 -2.45 0.19 20.34
C ASP A 493 -1.59 1.39 20.76
N ILE A 494 -2.09 2.59 20.46
CA ILE A 494 -1.27 3.81 20.54
C ILE A 494 -0.75 4.14 21.94
N ILE A 495 -1.50 3.77 22.98
CA ILE A 495 -1.01 3.97 24.34
C ILE A 495 0.24 3.10 24.64
N LYS A 496 0.20 1.82 24.29
CA LYS A 496 1.38 0.94 24.48
C LYS A 496 2.56 1.40 23.64
N ARG A 497 2.29 1.93 22.45
CA ARG A 497 3.35 2.42 21.58
C ARG A 497 4.05 3.59 22.24
N LYS A 498 3.25 4.42 22.86
CA LYS A 498 3.71 5.69 23.38
C LYS A 498 4.60 5.42 24.58
N MET A 499 4.21 4.42 25.35
CA MET A 499 4.98 4.07 26.52
C MET A 499 6.27 3.34 26.20
N LEU A 500 6.28 2.53 25.15
CA LEU A 500 7.55 1.99 24.64
C LEU A 500 8.43 3.11 24.17
N LEU A 501 7.84 4.05 23.46
CA LEU A 501 8.55 5.23 22.99
C LEU A 501 9.11 6.09 24.12
N ASN A 502 8.44 6.16 25.27
CA ASN A 502 9.01 6.94 26.37
C ASN A 502 10.37 6.38 26.81
N ILE A 503 10.57 5.07 26.65
CA ILE A 503 11.82 4.44 27.09
C ILE A 503 12.89 4.54 26.02
N LEU A 504 12.52 4.12 24.81
CA LEU A 504 13.45 4.03 23.70
C LEU A 504 13.98 5.39 23.27
N SER A 505 13.14 6.41 23.37
CA SER A 505 13.49 7.79 22.97
C SER A 505 14.68 8.41 23.70
N LYS A 506 14.81 8.10 25.00
CA LYS A 506 15.95 8.56 25.78
C LYS A 506 17.31 8.20 25.18
N GLU A 507 17.34 7.18 24.31
CA GLU A 507 18.57 6.60 23.81
C GLU A 507 18.70 6.74 22.30
N SER A 508 17.99 7.72 21.73
CA SER A 508 17.91 7.86 20.29
C SER A 508 19.27 7.77 19.62
N VAL A 509 20.18 8.65 20.01
CA VAL A 509 21.51 8.69 19.39
C VAL A 509 22.25 7.37 19.60
N ASN A 510 22.26 6.89 20.84
CA ASN A 510 22.98 5.66 21.16
C ASN A 510 22.47 4.47 20.40
N LEU A 511 21.14 4.31 20.41
CA LEU A 511 20.54 3.32 19.55
C LEU A 511 20.95 3.54 18.09
N ALA A 512 21.02 4.80 17.64
CA ALA A 512 21.33 5.08 16.23
C ALA A 512 22.69 4.57 15.80
N CYS A 513 23.64 4.56 16.73
CA CYS A 513 25.02 4.21 16.38
C CYS A 513 25.43 2.79 16.76
N ASN A 514 24.47 2.00 17.24
CA ASN A 514 24.76 0.64 17.66
C ASN A 514 24.39 -0.36 16.59
N VAL A 515 25.20 -1.42 16.50
CA VAL A 515 24.98 -2.47 15.51
C VAL A 515 23.54 -2.96 15.47
N TYR A 516 22.93 -3.07 16.64
CA TYR A 516 21.61 -3.67 16.70
C TYR A 516 20.56 -2.60 16.90
N GLY A 517 20.86 -1.66 17.79
CA GLY A 517 19.97 -0.58 18.11
C GLY A 517 19.54 0.21 16.90
N SER A 518 20.42 0.28 15.92
CA SER A 518 20.12 0.97 14.67
C SER A 518 18.96 0.29 13.93
N HIS A 519 18.76 -1.00 14.17
CA HIS A 519 17.66 -1.70 13.49
C HIS A 519 16.37 -1.46 14.25
N ILE A 520 16.49 -1.09 15.51
CA ILE A 520 15.33 -0.72 16.27
C ILE A 520 14.93 0.72 15.88
N MET A 521 15.90 1.60 15.79
CA MET A 521 15.67 2.98 15.40
C MET A 521 15.00 3.08 14.05
N ASP A 522 15.35 2.19 13.12
CA ASP A 522 14.69 2.21 11.81
C ASP A 522 13.24 1.84 11.93
N LYS A 523 12.93 0.82 12.71
CA LYS A 523 11.55 0.40 12.90
C LYS A 523 10.72 1.54 13.53
N LEU A 524 11.42 2.50 14.12
CA LEU A 524 10.78 3.51 14.96
C LEU A 524 10.21 4.61 14.09
N TRP A 525 10.79 4.82 12.92
CA TRP A 525 10.22 5.73 11.93
C TRP A 525 8.74 5.46 11.63
N GLU A 526 8.35 4.19 11.61
CA GLU A 526 6.97 3.81 11.34
C GLU A 526 6.16 3.71 12.65
N PHE A 527 6.78 3.15 13.69
CA PHE A 527 6.11 2.88 14.96
C PHE A 527 5.58 4.18 15.53
N THR A 528 6.22 5.24 15.12
CA THR A 528 6.01 6.53 15.71
C THR A 528 4.82 7.25 14.99
N ALA A 529 4.18 6.54 14.06
CA ALA A 529 2.97 7.01 13.39
C ALA A 529 1.86 7.40 14.35
N LYS A 530 1.12 8.46 14.00
CA LYS A 530 0.03 9.02 14.80
C LYS A 530 0.53 9.55 16.16
N LEU A 531 1.86 9.71 16.25
CA LEU A 531 2.55 10.08 17.47
C LEU A 531 3.70 11.03 17.16
N THR A 532 3.43 12.07 16.39
CA THR A 532 4.50 12.80 15.73
C THR A 532 5.32 13.58 16.70
N LEU A 533 4.81 13.78 17.91
CA LEU A 533 5.62 14.46 18.90
C LEU A 533 6.92 13.68 19.13
N TYR A 534 6.82 12.35 19.08
CA TYR A 534 7.96 11.47 19.32
C TYR A 534 8.87 11.40 18.11
N LYS A 535 8.29 11.56 16.93
CA LYS A 535 9.07 11.70 15.71
C LYS A 535 9.94 12.97 15.76
N GLU A 536 9.34 14.11 16.06
CA GLU A 536 10.09 15.37 16.14
C GLU A 536 11.18 15.28 17.20
N ARG A 537 10.85 14.70 18.35
CA ARG A 537 11.78 14.60 19.47
C ARG A 537 12.99 13.73 19.12
N ILE A 538 12.73 12.56 18.50
CA ILE A 538 13.81 11.68 18.07
C ILE A 538 14.67 12.31 16.96
N ALA A 539 14.02 12.87 15.95
CA ALA A 539 14.74 13.42 14.82
C ALA A 539 15.61 14.58 15.29
N ARG A 540 15.05 15.39 16.19
CA ARG A 540 15.83 16.46 16.80
C ARG A 540 17.08 15.91 17.50
N ALA A 541 16.91 14.87 18.31
CA ALA A 541 18.02 14.30 19.07
C ALA A 541 19.15 13.85 18.15
N LEU A 542 18.76 13.16 17.07
CA LEU A 542 19.71 12.63 16.10
C LEU A 542 20.46 13.77 15.44
N VAL A 543 19.73 14.82 15.07
CA VAL A 543 20.31 15.97 14.38
C VAL A 543 21.27 16.79 15.26
N LEU A 544 20.97 16.90 16.55
CA LEU A 544 21.87 17.61 17.46
C LEU A 544 23.25 16.99 17.43
N GLU A 545 23.28 15.67 17.38
CA GLU A 545 24.51 14.90 17.41
C GLU A 545 24.82 14.43 15.99
N THR A 546 24.66 15.33 15.03
CA THR A 546 24.76 14.98 13.62
C THR A 546 26.05 14.31 13.23
N GLU A 547 27.18 14.92 13.58
CA GLU A 547 28.45 14.40 13.08
C GLU A 547 28.81 13.08 13.74
N LYS A 548 28.26 12.80 14.91
CA LYS A 548 28.43 11.49 15.53
C LYS A 548 27.56 10.47 14.84
N VAL A 549 26.36 10.91 14.49
CA VAL A 549 25.34 10.05 13.89
C VAL A 549 25.76 9.65 12.48
N LYS A 550 25.98 10.65 11.63
CA LYS A 550 26.72 10.45 10.39
C LYS A 550 28.10 10.02 10.84
N ASN A 551 28.91 9.49 9.95
CA ASN A 551 30.26 9.08 10.34
C ASN A 551 30.19 7.89 11.31
N SER A 552 29.00 7.32 11.44
CA SER A 552 28.83 5.96 11.95
C SER A 552 28.30 5.10 10.81
N ILE A 553 28.67 3.84 10.81
CA ILE A 553 28.30 2.93 9.75
C ILE A 553 26.80 2.71 9.79
N TYR A 554 26.27 2.72 10.99
CA TYR A 554 24.87 2.38 11.19
C TYR A 554 24.07 3.67 11.27
N GLY A 555 24.66 4.67 11.88
CA GLY A 555 24.01 5.94 12.06
C GLY A 555 23.61 6.59 10.75
N ARG A 556 24.48 6.50 9.76
CA ARG A 556 24.27 7.17 8.47
C ARG A 556 23.17 6.49 7.66
N GLN A 557 22.84 5.26 8.03
CA GLN A 557 21.73 4.55 7.40
C GLN A 557 20.41 4.94 8.08
N VAL A 558 20.42 5.05 9.40
CA VAL A 558 19.30 5.61 10.13
C VAL A 558 18.97 7.02 9.59
N TRP A 559 20.01 7.81 9.37
CA TRP A 559 19.88 9.15 8.83
C TRP A 559 19.06 9.17 7.53
N LYS A 560 19.33 8.21 6.66
CA LYS A 560 18.59 8.03 5.42
C LYS A 560 17.15 7.63 5.70
N ASN A 561 16.98 6.51 6.40
CA ASN A 561 15.66 5.98 6.72
C ASN A 561 14.73 6.94 7.42
N TRP A 562 15.30 7.89 8.17
CA TRP A 562 14.51 8.89 8.89
C TRP A 562 14.40 10.17 8.08
N LYS A 563 14.99 10.13 6.89
CA LYS A 563 14.92 11.24 5.95
C LYS A 563 15.40 12.50 6.60
N LEU A 564 16.42 12.38 7.43
CA LEU A 564 16.87 13.52 8.22
C LEU A 564 17.37 14.68 7.37
N GLU A 565 17.86 14.40 6.17
CA GLU A 565 18.33 15.48 5.31
C GLU A 565 17.19 16.40 4.91
N LEU A 566 16.03 15.82 4.63
CA LEU A 566 14.80 16.60 4.45
C LEU A 566 14.45 17.36 5.72
N TYR A 567 14.59 16.72 6.87
CA TYR A 567 14.31 17.40 8.15
C TYR A 567 15.13 18.69 8.30
N VAL A 568 16.23 18.78 7.57
CA VAL A 568 17.14 19.91 7.64
C VAL A 568 16.88 20.92 6.53
N ARG A 569 16.99 20.46 5.29
CA ARG A 569 16.78 21.30 4.10
C ARG A 569 15.35 21.81 3.89
N LYS A 570 14.35 20.96 4.20
CA LYS A 570 12.97 21.21 3.82
C LYS A 570 11.95 20.61 4.82
N MET A 571 11.87 21.21 6.00
CA MET A 571 10.96 20.76 7.03
C MET A 571 9.56 20.48 6.51
N TRP A 572 9.03 21.35 5.67
CA TRP A 572 7.63 21.19 5.29
C TRP A 572 7.46 19.90 4.48
N ASP A 573 8.49 19.54 3.73
CA ASP A 573 8.45 18.34 2.93
C ASP A 573 8.56 17.09 3.80
N TRP A 574 9.33 17.21 4.89
CA TRP A 574 9.49 16.15 5.89
C TRP A 574 8.18 15.91 6.59
N LYS A 575 7.55 17.00 7.04
CA LYS A 575 6.26 16.93 7.67
C LYS A 575 5.28 16.29 6.71
N LYS A 576 5.34 16.67 5.43
CA LYS A 576 4.44 16.07 4.45
C LYS A 576 4.59 14.56 4.42
N LEU A 577 5.82 14.08 4.54
CA LEU A 577 6.06 12.62 4.51
C LEU A 577 5.38 11.96 5.70
N ILE A 578 5.48 12.61 6.86
CA ILE A 578 4.84 12.10 8.04
C ILE A 578 3.35 11.92 7.80
N LYS A 579 2.67 12.96 7.30
CA LYS A 579 1.24 12.89 7.00
C LYS A 579 0.91 11.76 6.02
N GLU A 580 1.72 11.61 4.97
CA GLU A 580 1.49 10.56 3.98
C GLU A 580 1.69 9.19 4.60
N GLN A 581 2.59 9.09 5.56
CA GLN A 581 2.78 7.84 6.28
C GLN A 581 1.55 7.49 7.12
N GLU A 582 1.06 8.46 7.88
CA GLU A 582 -0.06 8.22 8.78
C GLU A 582 -1.24 7.76 7.96
N PHE A 583 -1.39 8.35 6.77
CA PHE A 583 -2.55 8.06 5.94
C PHE A 583 -2.43 6.68 5.34
N GLU A 584 -1.22 6.30 4.95
CA GLU A 584 -0.97 5.00 4.34
C GLU A 584 -1.17 3.86 5.34
N ILE A 585 -0.76 4.07 6.58
CA ILE A 585 -0.86 3.04 7.62
C ILE A 585 -2.22 3.08 8.34
N PHE A 586 -2.87 4.24 8.31
CA PHE A 586 -4.19 4.44 8.93
C PHE A 586 -5.12 5.30 8.06
N ALA B 4 -20.82 10.95 19.44
CA ALA B 4 -21.67 11.05 20.64
C ALA B 4 -23.02 10.36 20.40
N SER B 5 -23.21 9.20 21.03
CA SER B 5 -24.33 8.29 20.74
C SER B 5 -25.43 8.33 21.79
N PHE B 6 -26.67 8.18 21.36
CA PHE B 6 -27.81 8.29 22.27
C PHE B 6 -28.73 7.08 22.23
N GLY B 7 -28.16 5.92 21.91
CA GLY B 7 -28.93 4.69 21.83
C GLY B 7 -29.33 4.32 20.41
N VAL B 8 -29.79 3.07 20.25
CA VAL B 8 -30.28 2.61 18.96
C VAL B 8 -31.80 2.45 18.96
N LEU B 9 -32.30 1.75 17.96
CA LEU B 9 -33.74 1.54 17.81
C LEU B 9 -34.00 0.05 17.60
N ASP B 10 -35.10 -0.45 18.15
CA ASP B 10 -35.40 -1.88 18.00
C ASP B 10 -35.84 -2.20 16.57
N ARG B 11 -35.75 -3.47 16.18
CA ARG B 11 -36.03 -3.86 14.81
C ARG B 11 -37.44 -3.46 14.38
N GLU B 12 -38.32 -3.25 15.35
CA GLU B 12 -39.67 -2.74 15.13
C GLU B 12 -39.65 -1.33 14.54
N GLU B 13 -38.92 -0.44 15.21
CA GLU B 13 -38.75 0.95 14.80
C GLU B 13 -37.94 1.09 13.50
N LEU B 14 -36.81 0.41 13.43
CA LEU B 14 -35.98 0.45 12.24
C LEU B 14 -36.79 0.06 11.01
N GLU B 15 -37.67 -0.92 11.17
CA GLU B 15 -38.46 -1.39 10.03
C GLU B 15 -39.64 -0.47 9.76
N TYR B 16 -40.11 0.26 10.76
CA TYR B 16 -41.15 1.22 10.47
C TYR B 16 -40.62 2.34 9.58
N PHE B 17 -39.42 2.83 9.90
CA PHE B 17 -38.87 3.97 9.17
C PHE B 17 -38.32 3.57 7.81
N LYS B 18 -37.68 2.40 7.74
CA LYS B 18 -37.30 1.84 6.45
C LYS B 18 -38.50 1.91 5.52
N GLN B 19 -39.62 1.43 6.01
CA GLN B 19 -40.84 1.46 5.23
C GLN B 19 -41.21 2.89 4.84
N ALA B 20 -41.15 3.83 5.78
CA ALA B 20 -41.61 5.20 5.48
C ALA B 20 -40.70 5.89 4.48
N GLU B 21 -39.39 5.61 4.56
CA GLU B 21 -38.46 6.16 3.58
C GLU B 21 -38.76 5.64 2.19
N SER B 22 -39.16 4.38 2.09
CA SER B 22 -39.51 3.81 0.79
C SER B 22 -40.77 4.40 0.21
N THR B 23 -41.77 4.69 1.05
CA THR B 23 -42.98 5.29 0.51
C THR B 23 -42.74 6.77 0.21
N LEU B 24 -41.62 7.31 0.70
CA LEU B 24 -41.27 8.68 0.35
C LEU B 24 -40.59 8.67 -1.02
N GLN B 25 -39.71 7.70 -1.22
CA GLN B 25 -38.98 7.52 -2.47
C GLN B 25 -39.85 7.43 -3.72
N LEU B 26 -40.94 6.66 -3.70
CA LEU B 26 -41.72 6.51 -4.93
C LEU B 26 -42.48 7.78 -5.29
N ASP B 27 -42.82 8.58 -4.29
CA ASP B 27 -43.52 9.83 -4.52
C ASP B 27 -44.84 9.61 -5.27
N ALA B 28 -45.49 8.49 -4.98
CA ALA B 28 -46.77 8.17 -5.59
C ALA B 28 -47.90 8.65 -4.68
N PHE B 29 -47.89 9.93 -4.37
CA PHE B 29 -48.97 10.51 -3.61
C PHE B 29 -49.93 11.10 -4.61
N GLU B 30 -51.06 11.61 -4.14
CA GLU B 30 -52.03 12.22 -5.04
C GLU B 30 -51.61 13.64 -5.41
N ALA B 31 -51.10 14.34 -4.40
CA ALA B 31 -50.86 15.78 -4.50
C ALA B 31 -50.04 16.21 -3.29
N PRO B 32 -49.48 17.43 -3.33
CA PRO B 32 -48.73 17.91 -2.18
C PRO B 32 -49.45 17.77 -0.83
N GLU B 33 -50.76 18.00 -0.80
CA GLU B 33 -51.48 18.07 0.47
C GLU B 33 -51.42 16.75 1.25
N GLU B 34 -51.26 15.65 0.51
CA GLU B 34 -51.28 14.32 1.11
C GLU B 34 -49.87 13.82 1.39
N LYS B 35 -48.92 14.26 0.58
CA LYS B 35 -47.51 14.05 0.87
C LYS B 35 -47.17 14.68 2.21
N PHE B 36 -47.59 15.94 2.36
CA PHE B 36 -47.38 16.66 3.59
C PHE B 36 -48.09 16.01 4.78
N GLN B 37 -49.21 15.32 4.55
CA GLN B 37 -49.86 14.61 5.63
C GLN B 37 -49.06 13.37 6.04
N PHE B 38 -48.40 12.74 5.06
CA PHE B 38 -47.61 11.53 5.32
C PHE B 38 -46.29 11.84 6.03
N VAL B 39 -45.75 13.02 5.76
CA VAL B 39 -44.56 13.48 6.46
C VAL B 39 -44.92 13.78 7.92
N THR B 40 -45.99 14.54 8.14
CA THR B 40 -46.44 14.85 9.50
C THR B 40 -46.65 13.58 10.31
N SER B 41 -47.01 12.50 9.61
CA SER B 41 -47.20 11.19 10.21
C SER B 41 -45.87 10.59 10.67
N ILE B 42 -44.81 10.76 9.89
CA ILE B 42 -43.49 10.26 10.26
C ILE B 42 -42.92 11.06 11.42
N ILE B 43 -43.15 12.37 11.37
CA ILE B 43 -42.66 13.27 12.39
C ILE B 43 -43.29 12.92 13.73
N GLU B 44 -44.57 12.57 13.70
CA GLU B 44 -45.27 12.27 14.94
C GLU B 44 -44.70 11.00 15.60
N GLU B 45 -44.49 9.96 14.81
CA GLU B 45 -43.92 8.72 15.34
C GLU B 45 -42.42 8.87 15.70
N ALA B 46 -41.81 9.93 15.19
CA ALA B 46 -40.37 10.12 15.39
C ALA B 46 -40.07 10.95 16.63
N LYS B 47 -41.10 11.63 17.15
CA LYS B 47 -41.00 12.48 18.35
C LYS B 47 -40.30 11.76 19.51
N GLY B 48 -39.23 12.36 20.03
CA GLY B 48 -38.47 11.78 21.11
C GLY B 48 -37.51 10.68 20.69
N LYS B 49 -37.50 10.36 19.40
CA LYS B 49 -36.60 9.35 18.86
C LYS B 49 -35.63 10.03 17.90
N GLU B 50 -35.74 11.35 17.84
CA GLU B 50 -34.97 12.19 16.92
C GLU B 50 -33.43 12.02 16.99
N LEU B 51 -32.83 12.07 18.17
CA LEU B 51 -31.37 11.91 18.25
C LEU B 51 -30.90 10.52 17.80
N LYS B 52 -31.71 9.48 18.00
CA LYS B 52 -31.33 8.13 17.55
C LYS B 52 -31.46 8.01 16.04
N LEU B 53 -32.44 8.70 15.47
CA LEU B 53 -32.66 8.67 14.02
C LEU B 53 -31.49 9.32 13.30
N VAL B 54 -31.06 10.48 13.79
CA VAL B 54 -30.04 11.27 13.11
C VAL B 54 -28.65 10.64 13.17
N THR B 55 -28.42 9.74 14.12
CA THR B 55 -27.11 9.13 14.32
C THR B 55 -26.96 7.71 13.77
N SER B 56 -28.02 7.19 13.17
CA SER B 56 -27.98 5.86 12.60
C SER B 56 -27.79 5.98 11.10
N GLN B 57 -26.88 5.20 10.54
CA GLN B 57 -26.68 5.24 9.11
C GLN B 57 -27.97 4.91 8.35
N ILE B 58 -28.82 4.10 8.97
CA ILE B 58 -30.08 3.64 8.36
C ILE B 58 -31.07 4.78 8.13
N THR B 59 -31.35 5.54 9.19
CA THR B 59 -32.43 6.52 9.14
C THR B 59 -31.95 7.93 8.84
N SER B 60 -30.63 8.12 8.91
CA SER B 60 -29.98 9.41 8.73
C SER B 60 -30.51 10.21 7.54
N LYS B 61 -30.59 9.56 6.37
CA LYS B 61 -31.01 10.24 5.15
C LYS B 61 -32.51 10.56 5.14
N LEU B 62 -33.28 9.74 5.85
CA LEU B 62 -34.69 9.99 6.03
C LEU B 62 -34.89 11.31 6.77
N MET B 63 -34.06 11.54 7.77
CA MET B 63 -34.15 12.79 8.54
C MET B 63 -33.85 14.00 7.67
N GLU B 64 -32.98 13.84 6.67
CA GLU B 64 -32.74 14.89 5.69
C GLU B 64 -34.00 15.12 4.85
N ARG B 65 -34.58 14.04 4.33
CA ARG B 65 -35.80 14.14 3.54
C ARG B 65 -36.90 14.83 4.33
N VAL B 66 -37.14 14.35 5.55
CA VAL B 66 -38.18 14.94 6.38
C VAL B 66 -37.94 16.43 6.61
N ILE B 67 -36.73 16.77 7.04
CA ILE B 67 -36.36 18.16 7.28
C ILE B 67 -36.64 19.03 6.07
N LEU B 68 -36.31 18.52 4.89
CA LEU B 68 -36.57 19.23 3.62
C LEU B 68 -38.06 19.35 3.30
N GLU B 69 -38.84 18.35 3.68
CA GLU B 69 -40.17 18.18 3.15
C GLU B 69 -41.30 18.70 4.07
N CYS B 70 -40.94 19.11 5.28
CA CYS B 70 -41.93 19.47 6.31
C CYS B 70 -42.27 20.96 6.29
N ASP B 71 -42.98 21.43 7.30
CA ASP B 71 -43.38 22.84 7.35
C ASP B 71 -42.69 23.64 8.46
N GLU B 72 -42.80 24.97 8.39
CA GLU B 72 -42.04 25.87 9.27
C GLU B 72 -42.09 25.49 10.74
N THR B 73 -43.28 25.32 11.29
CA THR B 73 -43.36 25.03 12.72
C THR B 73 -42.73 23.65 12.98
N GLN B 74 -42.88 22.72 12.04
CA GLN B 74 -42.27 21.39 12.19
C GLN B 74 -40.75 21.46 12.11
N LEU B 75 -40.26 22.41 11.30
CA LEU B 75 -38.81 22.62 11.17
C LEU B 75 -38.24 23.06 12.50
N LYS B 76 -38.81 24.11 13.06
CA LYS B 76 -38.36 24.64 14.33
C LYS B 76 -38.42 23.58 15.44
N ASP B 77 -39.39 22.68 15.37
CA ASP B 77 -39.53 21.64 16.38
C ASP B 77 -38.38 20.64 16.36
N ILE B 78 -38.09 20.12 15.17
CA ILE B 78 -36.93 19.26 14.96
C ILE B 78 -35.67 19.95 15.47
N PHE B 79 -35.50 21.19 15.02
CA PHE B 79 -34.37 22.03 15.38
C PHE B 79 -34.18 22.04 16.90
N GLN B 80 -35.23 22.39 17.61
CA GLN B 80 -35.16 22.56 19.06
C GLN B 80 -34.71 21.30 19.79
N SER B 81 -35.03 20.13 19.23
CA SER B 81 -34.76 18.86 19.90
C SER B 81 -33.29 18.50 19.82
N PHE B 82 -32.52 19.36 19.15
CA PHE B 82 -31.09 19.13 19.03
C PHE B 82 -30.33 20.00 20.00
N ASN B 83 -31.05 20.82 20.78
CA ASN B 83 -30.43 21.69 21.79
C ASN B 83 -29.57 21.00 22.82
N GLY B 84 -28.33 21.46 22.94
CA GLY B 84 -27.36 20.88 23.86
C GLY B 84 -26.53 19.75 23.25
N VAL B 85 -26.92 19.23 22.09
CA VAL B 85 -26.10 18.17 21.49
C VAL B 85 -25.51 18.58 20.13
N PHE B 86 -25.54 19.88 19.81
CA PHE B 86 -25.14 20.32 18.50
C PHE B 86 -23.70 19.97 18.17
N PHE B 87 -22.76 20.36 19.04
CA PHE B 87 -21.35 20.07 18.81
C PHE B 87 -21.13 18.54 18.72
N GLY B 88 -21.81 17.79 19.59
CA GLY B 88 -21.76 16.34 19.52
C GLY B 88 -22.23 15.84 18.17
N LEU B 89 -23.39 16.33 17.74
CA LEU B 89 -23.95 15.98 16.44
C LEU B 89 -23.05 16.35 15.27
N SER B 90 -22.41 17.51 15.36
CA SER B 90 -21.67 18.00 14.21
C SER B 90 -20.36 17.27 14.06
N CYS B 91 -19.94 16.56 15.10
CA CYS B 91 -18.74 15.72 15.00
C CYS B 91 -19.11 14.31 14.64
N HIS B 92 -20.37 14.08 14.29
CA HIS B 92 -20.86 12.75 13.99
C HIS B 92 -20.82 12.48 12.49
N LYS B 93 -20.32 11.32 12.11
CA LYS B 93 -20.22 10.90 10.70
C LYS B 93 -21.51 11.12 9.88
N TYR B 94 -22.66 10.80 10.48
CA TYR B 94 -23.95 10.89 9.76
C TYR B 94 -24.79 12.08 10.21
N ALA B 95 -24.69 12.45 11.48
CA ALA B 95 -25.54 13.52 11.99
C ALA B 95 -25.13 14.88 11.41
N SER B 96 -23.86 15.02 11.05
CA SER B 96 -23.32 16.27 10.53
C SER B 96 -23.97 16.65 9.19
N HIS B 97 -24.18 15.65 8.33
CA HIS B 97 -24.93 15.87 7.10
C HIS B 97 -26.36 16.30 7.34
N VAL B 98 -26.99 15.76 8.38
CA VAL B 98 -28.36 16.14 8.67
C VAL B 98 -28.38 17.60 9.10
N LEU B 99 -27.44 17.95 9.97
CA LEU B 99 -27.27 19.30 10.47
C LEU B 99 -27.16 20.33 9.34
N GLU B 100 -26.32 20.01 8.35
CA GLU B 100 -26.14 20.87 7.19
C GLU B 100 -27.46 21.16 6.51
N THR B 101 -28.23 20.11 6.26
CA THR B 101 -29.55 20.22 5.67
C THR B 101 -30.46 21.11 6.54
N LEU B 102 -30.55 20.74 7.80
CA LEU B 102 -31.29 21.51 8.79
C LEU B 102 -30.94 22.99 8.74
N PHE B 103 -29.64 23.31 8.75
CA PHE B 103 -29.21 24.69 8.73
C PHE B 103 -29.51 25.45 7.44
N VAL B 104 -29.41 24.78 6.30
CA VAL B 104 -29.71 25.45 5.03
C VAL B 104 -31.20 25.78 4.94
N ARG B 105 -32.05 24.84 5.33
CA ARG B 105 -33.47 25.13 5.42
C ARG B 105 -33.72 26.30 6.35
N SER B 106 -33.13 26.24 7.54
CA SER B 106 -33.26 27.29 8.53
C SER B 106 -32.86 28.67 8.01
N ALA B 107 -31.80 28.73 7.21
CA ALA B 107 -31.35 30.01 6.63
C ALA B 107 -32.45 30.65 5.79
N ALA B 108 -33.14 29.84 5.01
CA ALA B 108 -34.27 30.28 4.18
C ALA B 108 -35.46 30.78 5.03
N LEU B 109 -35.82 29.99 6.03
CA LEU B 109 -36.83 30.40 6.99
C LEU B 109 -36.47 31.74 7.64
N VAL B 110 -35.24 31.88 8.12
CA VAL B 110 -34.77 33.14 8.69
C VAL B 110 -34.93 34.32 7.74
N GLU B 111 -34.62 34.13 6.46
CA GLU B 111 -34.80 35.20 5.48
C GLU B 111 -36.29 35.47 5.27
N ARG B 112 -37.12 34.45 5.47
CA ARG B 112 -38.56 34.59 5.34
C ARG B 112 -39.15 35.50 6.44
N GLU B 113 -38.93 35.15 7.72
CA GLU B 113 -39.35 35.99 8.85
C GLU B 113 -38.89 37.44 8.68
N LEU B 114 -37.69 37.56 8.13
CA LEU B 114 -37.04 38.85 7.92
C LEU B 114 -37.71 39.62 6.78
N LEU B 115 -38.59 38.94 6.04
CA LEU B 115 -39.27 39.55 4.88
C LEU B 115 -40.77 39.23 4.85
N THR B 116 -41.31 38.77 5.98
CA THR B 116 -42.74 38.75 6.22
C THR B 116 -43.07 39.30 7.63
N PRO B 117 -42.57 40.51 7.94
CA PRO B 117 -43.05 41.11 9.19
C PRO B 117 -43.86 42.38 8.94
N VAL B 129 -41.43 31.41 19.17
CA VAL B 129 -39.98 31.54 19.06
C VAL B 129 -39.50 31.67 17.62
N THR B 130 -38.72 32.72 17.36
CA THR B 130 -38.26 33.00 16.00
C THR B 130 -37.06 32.15 15.59
N MET B 131 -36.91 32.00 14.28
CA MET B 131 -35.86 31.17 13.72
C MET B 131 -34.51 31.82 14.00
N GLU B 132 -34.45 33.14 13.84
CA GLU B 132 -33.26 33.90 14.18
C GLU B 132 -32.82 33.54 15.60
N ASN B 133 -33.72 33.68 16.56
CA ASN B 133 -33.36 33.42 17.95
C ASN B 133 -32.91 31.99 18.20
N MET B 134 -33.49 31.03 17.48
CA MET B 134 -33.08 29.64 17.62
C MET B 134 -31.69 29.43 17.03
N PHE B 135 -31.43 30.08 15.90
CA PHE B 135 -30.12 30.00 15.30
C PHE B 135 -29.06 30.53 16.27
N LEU B 136 -29.31 31.72 16.80
CA LEU B 136 -28.40 32.37 17.73
C LEU B 136 -28.18 31.55 19.01
N PHE B 137 -29.17 30.74 19.38
CA PHE B 137 -29.04 29.93 20.57
C PHE B 137 -28.03 28.83 20.28
N MET B 138 -28.20 28.20 19.13
CA MET B 138 -27.34 27.11 18.72
C MET B 138 -25.91 27.61 18.52
N LEU B 139 -25.74 28.71 17.80
CA LEU B 139 -24.43 29.32 17.61
C LEU B 139 -23.71 29.54 18.92
N ASN B 140 -24.45 30.03 19.90
CA ASN B 140 -23.87 30.35 21.19
C ASN B 140 -23.38 29.12 21.92
N GLU B 141 -23.95 27.98 21.58
CA GLU B 141 -23.56 26.78 22.28
C GLU B 141 -22.38 26.13 21.58
N LEU B 142 -22.07 26.61 20.40
CA LEU B 142 -20.92 26.09 19.65
C LEU B 142 -19.66 26.93 19.86
N LYS B 143 -19.83 28.20 20.24
CA LYS B 143 -18.70 29.11 20.51
C LYS B 143 -17.48 28.41 21.14
N PRO B 144 -17.63 27.80 22.34
CA PRO B 144 -16.42 27.19 22.96
C PRO B 144 -15.79 26.00 22.24
N HIS B 145 -16.16 25.73 20.99
CA HIS B 145 -15.75 24.50 20.30
C HIS B 145 -15.17 24.74 18.90
N LEU B 146 -15.31 25.98 18.44
CA LEU B 146 -14.96 26.38 17.09
C LEU B 146 -13.61 25.85 16.63
N LYS B 147 -12.54 26.15 17.36
CA LYS B 147 -11.22 25.67 16.97
C LYS B 147 -11.14 24.14 16.92
N THR B 148 -11.93 23.48 17.77
CA THR B 148 -11.99 22.03 17.71
C THR B 148 -12.72 21.58 16.44
N MET B 149 -13.86 22.20 16.15
CA MET B 149 -14.60 21.96 14.91
C MET B 149 -13.75 22.21 13.66
N MET B 150 -12.91 23.24 13.76
CA MET B 150 -12.15 23.78 12.64
C MET B 150 -11.33 22.74 11.85
N ASN B 151 -10.79 21.73 12.51
CA ASN B 151 -10.10 20.68 11.75
C ASN B 151 -10.53 19.28 12.13
N HIS B 152 -11.73 19.18 12.69
CA HIS B 152 -12.43 17.91 12.80
C HIS B 152 -12.95 17.51 11.43
N GLN B 153 -12.85 16.23 11.09
CA GLN B 153 -13.23 15.78 9.73
C GLN B 153 -14.73 15.88 9.43
N TYR B 154 -15.59 15.98 10.44
CA TYR B 154 -17.01 16.21 10.16
C TYR B 154 -17.44 17.61 10.59
N ALA B 155 -17.03 18.05 11.76
CA ALA B 155 -17.54 19.30 12.30
C ALA B 155 -17.06 20.50 11.48
N SER B 156 -15.97 20.30 10.73
CA SER B 156 -15.38 21.35 9.91
C SER B 156 -16.34 21.84 8.84
N HIS B 157 -17.08 20.89 8.28
CA HIS B 157 -18.08 21.16 7.28
C HIS B 157 -19.26 21.93 7.85
N VAL B 158 -19.67 21.57 9.06
CA VAL B 158 -20.74 22.30 9.69
C VAL B 158 -20.24 23.71 9.95
N LEU B 159 -18.97 23.85 10.31
CA LEU B 159 -18.40 25.19 10.53
C LEU B 159 -18.37 26.02 9.26
N ARG B 160 -17.88 25.42 8.17
CA ARG B 160 -17.85 26.14 6.89
C ARG B 160 -19.24 26.62 6.53
N LEU B 161 -20.20 25.72 6.59
CA LEU B 161 -21.59 26.01 6.31
C LEU B 161 -22.08 27.21 7.05
N LEU B 162 -21.81 27.24 8.35
CA LEU B 162 -22.29 28.34 9.19
C LEU B 162 -21.77 29.68 8.73
N ILE B 163 -20.47 29.77 8.47
CA ILE B 163 -19.87 31.01 7.98
C ILE B 163 -20.52 31.49 6.66
N LEU B 164 -20.83 30.57 5.75
CA LEU B 164 -21.58 30.94 4.54
C LEU B 164 -22.94 31.52 4.87
N ILE B 165 -23.67 30.86 5.74
CA ILE B 165 -24.99 31.30 6.10
C ILE B 165 -24.91 32.68 6.73
N LEU B 166 -23.92 32.88 7.59
CA LEU B 166 -23.81 34.15 8.29
C LEU B 166 -23.39 35.30 7.40
N SER B 167 -22.63 35.03 6.34
CA SER B 167 -22.13 36.10 5.48
C SER B 167 -22.86 36.19 4.14
N SER B 168 -24.09 35.71 4.10
CA SER B 168 -24.95 35.82 2.92
C SER B 168 -24.29 35.40 1.61
N LYS B 169 -23.40 34.42 1.69
CA LYS B 169 -22.84 33.80 0.50
C LYS B 169 -23.74 32.63 0.09
N THR B 170 -23.47 32.01 -1.05
CA THR B 170 -24.35 30.97 -1.56
C THR B 170 -24.08 29.60 -0.94
N LEU B 171 -25.16 28.81 -0.78
CA LEU B 171 -25.16 27.55 -0.02
C LEU B 171 -25.28 26.32 -0.92
N PRO B 172 -24.95 25.11 -0.41
CA PRO B 172 -24.89 23.90 -1.26
C PRO B 172 -26.23 23.21 -1.60
N ASN B 173 -26.10 22.00 -2.15
CA ASN B 173 -27.20 21.13 -2.54
C ASN B 173 -28.20 21.87 -3.42
N ASN B 202 -25.87 28.10 -5.30
CA ASN B 202 -26.63 28.92 -6.25
C ASN B 202 -27.60 29.89 -5.55
N LYS B 203 -28.02 29.52 -4.33
CA LYS B 203 -29.04 30.27 -3.58
C LYS B 203 -28.43 31.11 -2.44
N VAL B 204 -28.67 32.43 -2.48
CA VAL B 204 -28.17 33.36 -1.47
C VAL B 204 -29.31 33.94 -0.65
N TYR B 205 -29.22 33.84 0.67
CA TYR B 205 -30.28 34.36 1.53
C TYR B 205 -29.83 35.63 2.28
N GLN B 206 -30.78 36.52 2.50
CA GLN B 206 -30.51 37.70 3.28
C GLN B 206 -30.56 37.37 4.76
N THR B 207 -29.65 37.97 5.51
CA THR B 207 -29.55 37.67 6.93
C THR B 207 -29.76 38.91 7.76
N PRO B 208 -30.40 38.76 8.94
CA PRO B 208 -30.61 39.84 9.90
C PRO B 208 -29.30 40.35 10.50
N GLU B 209 -29.33 41.55 11.08
CA GLU B 209 -28.12 42.17 11.59
C GLU B 209 -27.41 41.34 12.65
N SER B 210 -28.18 40.62 13.47
CA SER B 210 -27.56 39.88 14.57
C SER B 210 -26.63 38.81 14.02
N PHE B 211 -26.93 38.33 12.81
CA PHE B 211 -26.09 37.33 12.16
C PHE B 211 -24.74 37.93 11.87
N LYS B 212 -24.71 39.18 11.41
CA LYS B 212 -23.47 39.85 11.05
C LYS B 212 -22.59 40.07 12.28
N SER B 213 -23.16 40.63 13.34
CA SER B 213 -22.48 40.76 14.64
C SER B 213 -21.93 39.41 15.06
N GLU B 214 -22.70 38.37 14.75
CA GLU B 214 -22.35 36.99 15.11
C GLU B 214 -21.15 36.47 14.31
N LEU B 215 -21.03 36.93 13.07
CA LEU B 215 -19.88 36.58 12.24
C LEU B 215 -18.63 37.16 12.83
N ARG B 216 -18.66 38.48 13.04
CA ARG B 216 -17.57 39.21 13.66
C ARG B 216 -17.15 38.52 14.93
N ASP B 217 -18.12 37.97 15.66
CA ASP B 217 -17.76 37.33 16.90
C ASP B 217 -17.05 36.01 16.66
N ILE B 218 -17.61 35.12 15.84
CA ILE B 218 -16.99 33.80 15.74
C ILE B 218 -15.62 33.91 15.05
N ILE B 219 -15.46 34.91 14.18
CA ILE B 219 -14.21 35.09 13.47
C ILE B 219 -13.17 35.70 14.39
N THR B 220 -13.60 36.64 15.23
CA THR B 220 -12.71 37.21 16.24
C THR B 220 -12.31 36.20 17.32
N THR B 221 -13.22 35.35 17.79
CA THR B 221 -12.81 34.46 18.87
C THR B 221 -11.81 33.48 18.28
N LEU B 222 -12.15 32.92 17.12
CA LEU B 222 -11.25 32.03 16.38
C LEU B 222 -9.88 32.67 16.23
N TYR B 223 -9.87 33.96 15.91
CA TYR B 223 -8.64 34.71 15.83
C TYR B 223 -7.83 34.65 17.13
N LYS B 224 -8.48 34.99 18.23
CA LYS B 224 -7.80 35.02 19.53
C LYS B 224 -7.20 33.66 19.87
N GLY B 225 -7.80 32.60 19.36
CA GLY B 225 -7.40 31.26 19.73
C GLY B 225 -6.31 30.67 18.87
N PHE B 226 -5.66 31.54 18.12
CA PHE B 226 -4.68 31.15 17.11
C PHE B 226 -3.48 32.05 17.25
N THR B 227 -3.74 33.27 17.70
CA THR B 227 -2.66 34.21 17.98
C THR B 227 -2.13 34.08 19.40
N ASN B 228 -2.40 32.95 20.06
CA ASN B 228 -1.81 32.64 21.37
C ASN B 228 -2.02 33.78 22.38
N GLY B 229 -3.17 34.46 22.27
CA GLY B 229 -3.47 35.62 23.10
C GLY B 229 -2.42 36.72 23.01
N ALA B 230 -2.65 37.69 22.12
CA ALA B 230 -1.72 38.80 21.98
C ALA B 230 -2.51 40.09 21.95
N GLU B 231 -1.86 41.20 22.28
CA GLU B 231 -2.55 42.47 22.36
C GLU B 231 -2.52 43.19 21.02
N SER B 232 -1.52 42.83 20.22
CA SER B 232 -1.18 43.56 18.99
C SER B 232 -0.55 42.60 17.99
N ARG B 233 -0.52 42.97 16.71
CA ARG B 233 0.10 42.14 15.70
C ARG B 233 1.60 42.00 15.96
N SER B 234 2.23 43.09 16.38
CA SER B 234 3.65 43.08 16.72
C SER B 234 3.98 42.05 17.80
N ASP B 235 2.98 41.71 18.61
CA ASP B 235 3.14 40.77 19.72
C ASP B 235 3.12 39.32 19.29
N ILE B 236 2.76 39.05 18.05
CA ILE B 236 2.60 37.67 17.60
C ILE B 236 3.96 37.06 17.32
N SER B 237 4.28 35.96 17.99
CA SER B 237 5.55 35.29 17.78
C SER B 237 5.60 34.59 16.43
N GLN B 238 6.81 34.42 15.89
CA GLN B 238 6.99 33.68 14.65
C GLN B 238 6.47 32.25 14.80
N SER B 239 6.53 31.71 16.00
CA SER B 239 6.20 30.29 16.20
C SER B 239 4.69 30.02 16.16
N THR B 240 3.87 31.02 16.48
CA THR B 240 2.43 30.80 16.38
C THR B 240 2.01 31.01 14.92
N ILE B 241 2.80 31.81 14.21
CA ILE B 241 2.60 32.04 12.78
C ILE B 241 2.89 30.80 11.97
N THR B 242 3.94 30.06 12.28
CA THR B 242 4.14 28.85 11.50
C THR B 242 3.16 27.77 11.96
N LYS B 243 2.61 27.86 13.17
CA LYS B 243 1.57 26.91 13.55
C LYS B 243 0.31 27.16 12.73
N PHE B 244 -0.03 28.43 12.53
CA PHE B 244 -1.20 28.75 11.74
C PHE B 244 -0.99 28.36 10.27
N ARG B 245 0.26 28.50 9.80
CA ARG B 245 0.60 28.12 8.45
C ARG B 245 0.38 26.64 8.27
N GLU B 246 0.60 25.87 9.35
CA GLU B 246 0.45 24.41 9.29
C GLU B 246 -1.02 24.04 9.18
N TYR B 247 -1.88 24.86 9.78
CA TYR B 247 -3.32 24.64 9.68
C TYR B 247 -3.80 25.03 8.30
N SER B 248 -3.16 26.01 7.68
CA SER B 248 -3.66 26.53 6.40
C SER B 248 -3.30 25.58 5.27
N VAL B 249 -2.66 24.48 5.64
CA VAL B 249 -2.14 23.57 4.65
C VAL B 249 -2.58 22.15 5.06
N ASP B 250 -3.44 22.10 6.07
CA ASP B 250 -4.11 20.86 6.48
C ASP B 250 -5.39 20.59 5.70
N LYS B 251 -5.59 19.33 5.29
CA LYS B 251 -6.66 19.00 4.33
C LYS B 251 -8.09 19.32 4.80
N VAL B 252 -8.24 19.46 6.12
CA VAL B 252 -9.54 19.76 6.67
C VAL B 252 -9.68 21.24 7.05
N ALA B 253 -8.65 21.78 7.71
CA ALA B 253 -8.73 23.14 8.23
C ALA B 253 -8.59 24.15 7.11
N SER B 254 -7.78 23.82 6.11
CA SER B 254 -7.49 24.77 5.04
C SER B 254 -8.75 25.35 4.38
N PRO B 255 -9.77 24.53 4.04
CA PRO B 255 -10.95 25.19 3.45
C PRO B 255 -11.66 26.14 4.40
N VAL B 256 -11.58 25.90 5.69
CA VAL B 256 -12.12 26.84 6.68
C VAL B 256 -11.36 28.17 6.63
N ILE B 257 -10.04 28.09 6.64
CA ILE B 257 -9.23 29.29 6.62
C ILE B 257 -9.41 30.09 5.31
N GLN B 258 -9.50 29.41 4.17
CA GLN B 258 -9.75 30.13 2.92
C GLN B 258 -11.00 30.95 3.09
N LEU B 259 -12.04 30.28 3.53
CA LEU B 259 -13.36 30.86 3.74
C LEU B 259 -13.34 32.07 4.68
N ILE B 260 -12.73 31.90 5.84
CA ILE B 260 -12.51 33.00 6.78
C ILE B 260 -11.80 34.17 6.10
N ILE B 261 -10.75 33.89 5.32
CA ILE B 261 -9.96 34.96 4.72
C ILE B 261 -10.76 35.67 3.64
N GLN B 262 -11.70 34.95 3.04
CA GLN B 262 -12.58 35.50 2.01
C GLN B 262 -13.65 36.42 2.59
N VAL B 263 -13.81 36.34 3.91
CA VAL B 263 -14.99 36.86 4.56
C VAL B 263 -14.68 37.96 5.60
N GLU B 264 -13.43 38.01 6.06
CA GLU B 264 -13.08 38.93 7.15
C GLU B 264 -13.04 40.38 6.68
N GLY B 265 -12.95 40.58 5.37
CA GLY B 265 -12.95 41.91 4.77
C GLY B 265 -14.31 42.60 4.77
N ILE B 266 -15.26 41.98 5.45
CA ILE B 266 -16.58 42.55 5.70
C ILE B 266 -16.47 43.57 6.84
N PHE B 267 -15.70 43.23 7.86
CA PHE B 267 -15.64 44.06 9.05
C PHE B 267 -14.20 44.37 9.47
N ASP B 268 -13.25 43.60 8.97
CA ASP B 268 -11.86 43.89 9.29
C ASP B 268 -11.11 44.52 8.12
N ARG B 269 -11.05 45.85 8.13
CA ARG B 269 -10.36 46.62 7.10
C ARG B 269 -8.88 46.18 6.97
N ASP B 270 -8.30 45.70 8.06
CA ASP B 270 -6.87 45.39 8.07
C ASP B 270 -6.52 43.92 7.77
N ARG B 271 -7.53 43.07 7.57
CA ARG B 271 -7.34 41.68 7.13
C ARG B 271 -6.32 40.88 7.95
N SER B 272 -6.63 40.59 9.21
CA SER B 272 -5.61 40.11 10.11
C SER B 272 -5.30 38.64 9.91
N PHE B 273 -6.32 37.88 9.53
CA PHE B 273 -6.12 36.48 9.20
C PHE B 273 -5.20 36.32 8.01
N TRP B 274 -5.35 37.18 7.02
CA TRP B 274 -4.37 37.26 5.94
C TRP B 274 -2.97 37.52 6.50
N ARG B 275 -2.82 38.57 7.32
CA ARG B 275 -1.51 38.92 7.89
C ARG B 275 -0.97 37.85 8.82
N LEU B 276 -1.81 36.92 9.25
CA LEU B 276 -1.34 35.87 10.12
C LEU B 276 -0.63 34.83 9.26
N VAL B 277 -0.95 34.82 7.96
CA VAL B 277 -0.38 33.82 7.06
C VAL B 277 0.82 34.38 6.30
N PHE B 278 0.68 35.60 5.78
CA PHE B 278 1.70 36.25 4.97
C PHE B 278 2.28 37.52 5.59
N ASN B 279 3.51 37.86 5.22
CA ASN B 279 4.09 39.13 5.63
C ASN B 279 3.64 40.28 4.73
N THR B 280 4.10 41.48 5.04
CA THR B 280 3.73 42.63 4.22
C THR B 280 4.97 43.44 3.88
N ALA B 281 6.09 43.04 4.47
CA ALA B 281 7.39 43.61 4.14
C ALA B 281 7.70 43.45 2.65
N ASP B 282 8.23 44.49 2.01
CA ASP B 282 8.58 44.35 0.60
C ASP B 282 9.91 43.61 0.37
N GLU B 283 10.17 42.59 1.17
CA GLU B 283 11.34 41.76 0.92
C GLU B 283 11.11 40.31 1.37
N LYS B 284 11.78 39.37 0.68
CA LYS B 284 11.61 37.96 0.97
C LYS B 284 12.12 37.71 2.36
N ASP B 285 11.58 36.66 2.98
CA ASP B 285 11.92 36.31 4.34
C ASP B 285 12.05 34.78 4.39
N PRO B 286 13.15 34.27 4.93
CA PRO B 286 13.40 32.83 4.90
C PRO B 286 12.21 31.94 5.28
N LYS B 287 11.51 32.22 6.39
CA LYS B 287 10.39 31.39 6.81
C LYS B 287 9.21 31.45 5.82
N GLU B 288 8.80 32.66 5.43
CA GLU B 288 7.75 32.84 4.42
C GLU B 288 8.10 32.17 3.10
N GLU B 289 9.36 32.29 2.69
CA GLU B 289 9.80 31.77 1.42
C GLU B 289 9.62 30.26 1.31
N SER B 290 10.09 29.50 2.30
CA SER B 290 9.99 28.06 2.17
C SER B 290 8.54 27.60 2.38
N PHE B 291 7.74 28.46 3.01
CA PHE B 291 6.31 28.21 3.10
C PHE B 291 5.71 28.34 1.71
N LEU B 292 6.17 29.37 0.99
CA LEU B 292 5.69 29.61 -0.35
C LEU B 292 6.09 28.46 -1.25
N GLU B 293 7.29 27.90 -1.03
CA GLU B 293 7.74 26.78 -1.84
C GLU B 293 6.88 25.53 -1.60
N TYR B 294 6.50 25.32 -0.35
CA TYR B 294 5.59 24.24 -0.06
C TYR B 294 4.25 24.46 -0.74
N LEU B 295 3.66 25.66 -0.59
CA LEU B 295 2.35 25.94 -1.18
C LEU B 295 2.40 25.73 -2.69
N LEU B 296 3.49 26.16 -3.32
CA LEU B 296 3.61 26.08 -4.76
C LEU B 296 3.93 24.68 -5.26
N SER B 297 3.91 23.68 -4.39
CA SER B 297 4.26 22.33 -4.80
C SER B 297 3.49 21.25 -4.07
N ASP B 298 2.35 21.63 -3.51
CA ASP B 298 1.53 20.73 -2.69
C ASP B 298 0.08 20.95 -3.03
N PRO B 299 -0.65 19.86 -3.29
CA PRO B 299 -2.07 19.94 -3.65
C PRO B 299 -2.91 20.82 -2.70
N VAL B 300 -2.93 20.54 -1.41
CA VAL B 300 -3.72 21.40 -0.51
C VAL B 300 -3.22 22.84 -0.53
N GLY B 301 -1.93 23.00 -0.32
CA GLY B 301 -1.27 24.29 -0.35
C GLY B 301 -1.58 25.11 -1.57
N SER B 302 -1.67 24.48 -2.73
CA SER B 302 -1.89 25.21 -3.97
C SER B 302 -3.37 25.58 -4.20
N HIS B 303 -4.30 24.81 -3.62
CA HIS B 303 -5.69 25.23 -3.56
C HIS B 303 -5.84 26.43 -2.65
N PHE B 304 -5.16 26.36 -1.51
CA PHE B 304 -5.21 27.43 -0.54
C PHE B 304 -4.74 28.71 -1.21
N LEU B 305 -3.57 28.70 -1.85
CA LEU B 305 -3.02 29.89 -2.48
C LEU B 305 -3.95 30.44 -3.53
N GLU B 306 -4.45 29.54 -4.36
CA GLU B 306 -5.34 29.89 -5.45
C GLU B 306 -6.59 30.62 -4.99
N ASN B 307 -7.30 30.05 -4.03
CA ASN B 307 -8.54 30.65 -3.56
C ASN B 307 -8.29 31.94 -2.84
N VAL B 308 -7.27 31.90 -2.02
CA VAL B 308 -6.94 33.01 -1.15
C VAL B 308 -6.54 34.23 -1.98
N ILE B 309 -5.88 34.01 -3.12
CA ILE B 309 -5.51 35.09 -4.05
C ILE B 309 -6.71 35.86 -4.54
N GLY B 310 -7.73 35.12 -4.94
CA GLY B 310 -8.96 35.72 -5.42
C GLY B 310 -9.62 36.70 -4.47
N SER B 311 -9.37 36.55 -3.17
CA SER B 311 -10.05 37.42 -2.22
C SER B 311 -9.11 38.37 -1.47
N ALA B 312 -7.83 38.32 -1.78
CA ALA B 312 -6.85 39.21 -1.17
C ALA B 312 -6.85 40.59 -1.82
N ARG B 313 -6.12 41.51 -1.20
CA ARG B 313 -5.89 42.84 -1.77
C ARG B 313 -4.94 42.78 -2.97
N LEU B 314 -5.21 43.56 -4.00
CA LEU B 314 -4.41 43.57 -5.21
C LEU B 314 -2.93 43.78 -4.87
N LYS B 315 -2.68 44.67 -3.91
CA LYS B 315 -1.32 45.02 -3.50
C LYS B 315 -0.60 43.84 -2.87
N TYR B 316 -1.30 43.04 -2.06
CA TYR B 316 -0.68 41.88 -1.42
C TYR B 316 -0.37 40.76 -2.41
N VAL B 317 -1.25 40.58 -3.39
CA VAL B 317 -1.08 39.54 -4.38
C VAL B 317 0.07 39.90 -5.28
N GLU B 318 0.15 41.18 -5.64
CA GLU B 318 1.31 41.70 -6.34
C GLU B 318 2.61 41.51 -5.56
N ARG B 319 2.57 41.58 -4.24
CA ARG B 319 3.77 41.28 -3.45
C ARG B 319 4.20 39.81 -3.55
N LEU B 320 3.28 38.86 -3.42
CA LEU B 320 3.68 37.45 -3.51
C LEU B 320 4.21 37.11 -4.90
N TYR B 321 3.64 37.70 -5.92
CA TYR B 321 4.10 37.48 -7.28
C TYR B 321 5.48 38.06 -7.51
N ARG B 322 5.64 39.34 -7.21
CA ARG B 322 6.93 40.00 -7.33
C ARG B 322 7.98 39.16 -6.58
N LEU B 323 7.73 38.85 -5.32
CA LEU B 323 8.74 38.21 -4.49
C LEU B 323 9.03 36.75 -4.80
N TYR B 324 7.99 35.97 -5.07
CA TYR B 324 8.14 34.52 -5.00
C TYR B 324 7.86 33.80 -6.33
N MET B 325 7.37 34.53 -7.33
CA MET B 325 6.91 33.86 -8.55
C MET B 325 7.33 34.46 -9.90
N LYS B 326 7.40 35.78 -9.98
CA LYS B 326 7.72 36.47 -11.24
C LYS B 326 8.93 35.94 -11.97
N ASP B 327 9.97 35.57 -11.21
CA ASP B 327 11.24 35.10 -11.79
C ASP B 327 11.24 33.64 -12.22
N ARG B 328 10.16 32.91 -11.95
CA ARG B 328 10.11 31.49 -12.27
C ARG B 328 8.72 31.11 -12.72
N ILE B 329 8.08 32.03 -13.43
CA ILE B 329 6.71 31.83 -13.81
C ILE B 329 6.56 30.59 -14.72
N VAL B 330 7.56 30.29 -15.54
CA VAL B 330 7.43 29.15 -16.45
C VAL B 330 7.65 27.84 -15.73
N LYS B 331 8.55 27.85 -14.76
CA LYS B 331 8.80 26.64 -13.97
C LYS B 331 7.55 26.25 -13.18
N LEU B 332 6.87 27.26 -12.64
CA LEU B 332 5.65 27.04 -11.88
C LEU B 332 4.54 26.56 -12.81
N ALA B 333 4.51 27.12 -14.02
CA ALA B 333 3.47 26.78 -14.98
C ALA B 333 3.46 25.29 -15.34
N LYS B 334 4.63 24.66 -15.33
CA LYS B 334 4.72 23.25 -15.65
C LYS B 334 4.50 22.34 -14.44
N ARG B 335 4.20 22.91 -13.29
CA ARG B 335 3.75 22.09 -12.16
C ARG B 335 2.24 21.89 -12.28
N ASP B 336 1.82 20.88 -13.04
CA ASP B 336 0.44 20.83 -13.53
C ASP B 336 -0.64 20.47 -12.52
N THR B 337 -0.27 19.91 -11.36
CA THR B 337 -1.30 19.56 -10.36
C THR B 337 -1.27 20.45 -9.12
N THR B 338 -0.23 21.28 -9.04
CA THR B 338 0.05 22.07 -7.85
C THR B 338 0.85 23.30 -8.17
N GLY B 339 0.27 24.35 -8.73
CA GLY B 339 1.20 25.43 -9.03
C GLY B 339 0.91 26.08 -10.36
N ALA B 340 0.53 25.25 -11.33
CA ALA B 340 -0.12 25.76 -12.52
C ALA B 340 -1.41 26.51 -12.12
N PHE B 341 -2.02 26.10 -11.01
CA PHE B 341 -3.27 26.68 -10.61
C PHE B 341 -3.02 28.02 -9.97
N VAL B 342 -1.83 28.17 -9.43
CA VAL B 342 -1.57 29.45 -8.80
C VAL B 342 -1.30 30.46 -9.90
N VAL B 343 -0.59 30.04 -10.94
CA VAL B 343 -0.35 30.93 -12.07
C VAL B 343 -1.67 31.34 -12.70
N ARG B 344 -2.60 30.38 -12.86
CA ARG B 344 -3.90 30.72 -13.42
C ARG B 344 -4.64 31.75 -12.56
N ALA B 345 -4.55 31.62 -11.25
CA ALA B 345 -5.14 32.60 -10.36
C ALA B 345 -4.59 33.98 -10.67
N LEU B 346 -3.30 34.06 -10.97
CA LEU B 346 -2.63 35.34 -11.23
C LEU B 346 -3.08 35.98 -12.52
N LEU B 347 -3.27 35.18 -13.56
CA LEU B 347 -3.79 35.67 -14.85
C LEU B 347 -5.14 36.32 -14.65
N GLU B 348 -5.89 35.77 -13.70
CA GLU B 348 -7.25 36.18 -13.46
C GLU B 348 -7.32 37.34 -12.47
N HIS B 349 -6.23 37.68 -11.79
CA HIS B 349 -6.30 38.75 -10.78
C HIS B 349 -5.24 39.83 -10.86
N LEU B 350 -4.14 39.60 -11.55
CA LEU B 350 -3.18 40.69 -11.67
C LEU B 350 -3.73 41.68 -12.68
N LYS B 351 -3.18 42.90 -12.69
CA LYS B 351 -3.63 43.94 -13.62
C LYS B 351 -2.87 43.80 -14.93
N GLU B 352 -3.25 44.58 -15.94
CA GLU B 352 -2.78 44.41 -17.32
C GLU B 352 -1.27 44.19 -17.50
N LYS B 353 -0.46 45.02 -16.85
CA LYS B 353 0.98 44.99 -17.13
C LYS B 353 1.55 43.65 -16.71
N ASP B 354 1.10 43.15 -15.56
CA ASP B 354 1.59 41.88 -15.06
C ASP B 354 1.05 40.66 -15.80
N VAL B 355 -0.22 40.64 -16.25
CA VAL B 355 -0.63 39.41 -16.92
C VAL B 355 0.03 39.37 -18.31
N LYS B 356 0.41 40.53 -18.84
CA LYS B 356 1.18 40.54 -20.09
C LYS B 356 2.58 39.97 -19.87
N GLN B 357 3.23 40.30 -18.76
CA GLN B 357 4.51 39.68 -18.43
C GLN B 357 4.39 38.17 -18.35
N ILE B 358 3.33 37.68 -17.71
CA ILE B 358 3.17 36.24 -17.54
C ILE B 358 2.88 35.61 -18.88
N LEU B 359 2.03 36.24 -19.69
CA LEU B 359 1.78 35.74 -21.04
C LEU B 359 3.05 35.77 -21.93
N ASP B 360 3.92 36.76 -21.74
CA ASP B 360 5.19 36.82 -22.47
C ASP B 360 6.02 35.55 -22.23
N ALA B 361 5.96 35.04 -21.00
CA ALA B 361 6.81 33.91 -20.63
C ALA B 361 6.19 32.57 -20.98
N VAL B 362 4.87 32.50 -20.88
CA VAL B 362 4.16 31.22 -20.97
C VAL B 362 3.69 30.89 -22.40
N VAL B 363 3.24 31.89 -23.16
CA VAL B 363 2.75 31.62 -24.51
C VAL B 363 3.81 30.92 -25.38
N PRO B 364 5.08 31.33 -25.27
CA PRO B 364 6.07 30.48 -25.95
C PRO B 364 6.00 28.99 -25.58
N GLU B 365 5.60 28.65 -24.37
CA GLU B 365 5.63 27.24 -23.92
C GLU B 365 4.27 26.55 -24.04
N LEU B 366 3.30 27.24 -24.63
CA LEU B 366 1.91 26.77 -24.65
C LEU B 366 1.73 25.31 -25.07
N SER B 367 2.46 24.89 -26.10
CA SER B 367 2.33 23.52 -26.60
C SER B 367 2.80 22.49 -25.58
N MET B 368 3.83 22.82 -24.80
CA MET B 368 4.24 21.95 -23.70
C MET B 368 3.15 21.89 -22.62
N LEU B 369 2.74 23.05 -22.10
CA LEU B 369 1.69 23.17 -21.10
C LEU B 369 0.39 22.42 -21.37
N LEU B 370 -0.09 22.48 -22.59
CA LEU B 370 -1.41 21.94 -22.94
C LEU B 370 -1.59 20.44 -22.70
N ASN B 371 -0.49 19.69 -22.71
CA ASN B 371 -0.54 18.23 -22.54
C ASN B 371 -1.16 17.72 -21.24
N SER B 372 -1.18 18.58 -20.22
CA SER B 372 -1.70 18.18 -18.93
C SER B 372 -2.90 19.05 -18.53
N ASN B 373 -2.64 20.34 -18.38
CA ASN B 373 -3.60 21.20 -17.73
C ASN B 373 -4.45 21.93 -18.72
N MET B 374 -5.58 21.31 -19.06
CA MET B 374 -6.55 21.91 -19.95
C MET B 374 -7.10 23.18 -19.34
N ASP B 375 -7.28 23.16 -18.03
CA ASP B 375 -7.72 24.33 -17.26
C ASP B 375 -6.79 25.51 -17.45
N PHE B 376 -5.49 25.22 -17.50
CA PHE B 376 -4.49 26.25 -17.65
C PHE B 376 -4.48 26.80 -19.07
N GLY B 377 -4.65 25.91 -20.04
CA GLY B 377 -4.77 26.34 -21.42
C GLY B 377 -5.90 27.32 -21.58
N THR B 378 -7.05 27.01 -21.00
CA THR B 378 -8.21 27.88 -21.13
C THR B 378 -7.94 29.25 -20.51
N ALA B 379 -7.31 29.24 -19.35
CA ALA B 379 -6.92 30.43 -18.64
C ALA B 379 -6.05 31.30 -19.51
N ILE B 380 -5.09 30.69 -20.21
CA ILE B 380 -4.18 31.41 -21.08
C ILE B 380 -4.91 32.05 -22.26
N ILE B 381 -5.68 31.25 -23.01
CA ILE B 381 -6.50 31.83 -24.09
C ILE B 381 -7.40 32.95 -23.52
N ASN B 382 -7.98 32.73 -22.36
CA ASN B 382 -8.84 33.75 -21.74
C ASN B 382 -8.16 35.10 -21.46
N ALA B 383 -7.09 35.06 -20.69
CA ALA B 383 -6.26 36.22 -20.41
C ALA B 383 -5.82 36.91 -21.69
N SER B 384 -5.37 36.12 -22.66
CA SER B 384 -5.00 36.62 -23.98
C SER B 384 -6.14 37.42 -24.57
N ASN B 385 -7.36 36.93 -24.40
CA ASN B 385 -8.53 37.61 -24.88
C ASN B 385 -8.90 38.87 -24.08
N LYS B 386 -8.97 38.75 -22.76
CA LYS B 386 -9.16 39.93 -21.92
C LYS B 386 -8.18 41.09 -22.21
N GLN B 387 -7.06 40.82 -22.86
CA GLN B 387 -6.04 41.85 -23.06
C GLN B 387 -5.96 42.40 -24.49
N GLY B 388 -7.00 42.16 -25.29
CA GLY B 388 -7.04 42.63 -26.66
C GLY B 388 -6.37 41.69 -27.66
N GLY B 389 -6.57 40.39 -27.46
CA GLY B 389 -5.93 39.40 -28.30
C GLY B 389 -4.43 39.53 -28.24
N TYR B 390 -3.91 39.74 -27.04
CA TYR B 390 -2.46 39.90 -26.84
C TYR B 390 -1.78 38.60 -27.24
N LEU B 391 -0.75 38.72 -28.06
CA LEU B 391 0.06 37.55 -28.45
C LEU B 391 -0.70 36.50 -29.26
N ARG B 392 -1.88 36.90 -29.76
CA ARG B 392 -2.79 35.97 -30.42
C ARG B 392 -2.20 35.23 -31.62
N ASP B 393 -1.25 35.84 -32.29
CA ASP B 393 -0.67 35.23 -33.48
C ASP B 393 0.21 34.05 -33.06
N ASP B 394 0.91 34.21 -31.94
CA ASP B 394 1.78 33.13 -31.49
C ASP B 394 0.97 32.04 -30.80
N VAL B 395 -0.19 32.41 -30.26
CA VAL B 395 -1.08 31.43 -29.66
C VAL B 395 -1.66 30.58 -30.79
N ILE B 396 -2.21 31.25 -31.81
CA ILE B 396 -2.84 30.54 -32.91
C ILE B 396 -1.86 29.65 -33.69
N ALA B 397 -0.68 30.18 -33.99
CA ALA B 397 0.30 29.41 -34.72
C ALA B 397 0.53 28.05 -34.05
N GLN B 398 0.64 28.08 -32.73
CA GLN B 398 0.99 26.89 -31.97
C GLN B 398 -0.14 25.92 -31.76
N LEU B 399 -1.33 26.46 -31.46
CA LEU B 399 -2.50 25.60 -31.36
C LEU B 399 -2.66 24.81 -32.66
N ILE B 400 -2.70 25.52 -33.79
CA ILE B 400 -2.84 24.87 -35.09
C ILE B 400 -1.74 23.85 -35.38
N GLN B 401 -0.50 24.19 -35.03
CA GLN B 401 0.61 23.27 -35.22
C GLN B 401 0.36 22.00 -34.39
N LYS B 402 -0.29 22.17 -33.24
CA LYS B 402 -0.54 21.08 -32.32
C LYS B 402 -1.78 20.25 -32.71
N TYR B 403 -2.89 20.94 -32.98
CA TYR B 403 -4.18 20.30 -33.12
C TYR B 403 -4.59 20.02 -34.55
N TYR B 404 -4.00 20.73 -35.50
CA TYR B 404 -4.44 20.64 -36.89
C TYR B 404 -3.30 20.99 -37.83
N PRO B 405 -2.19 20.21 -37.79
CA PRO B 405 -1.01 20.50 -38.61
C PRO B 405 -1.38 20.43 -40.08
N GLU B 406 -0.86 21.32 -40.92
CA GLU B 406 -1.33 21.35 -42.30
C GLU B 406 -0.92 20.07 -43.02
N LYS B 407 0.33 19.67 -42.85
CA LYS B 407 0.85 18.48 -43.51
C LYS B 407 0.10 17.20 -43.11
N SER B 408 -0.66 17.27 -42.02
CA SER B 408 -1.29 16.07 -41.48
C SER B 408 -2.35 15.51 -42.42
N ASP B 409 -2.32 14.19 -42.55
CA ASP B 409 -3.12 13.46 -43.52
C ASP B 409 -4.48 13.13 -42.96
N ALA B 410 -4.59 13.13 -41.64
CA ALA B 410 -5.83 12.78 -40.98
C ALA B 410 -6.23 13.81 -39.92
N LYS B 411 -5.91 15.08 -40.21
CA LYS B 411 -6.34 16.21 -39.39
C LYS B 411 -7.77 16.08 -38.89
N ASN B 412 -7.95 16.19 -37.58
CA ASN B 412 -9.27 16.31 -36.99
C ASN B 412 -9.13 16.88 -35.61
N ILE B 413 -9.68 18.07 -35.38
CA ILE B 413 -9.56 18.70 -34.07
C ILE B 413 -10.44 18.00 -33.03
N LEU B 414 -11.43 17.24 -33.46
CA LEU B 414 -12.21 16.43 -32.53
C LEU B 414 -11.42 15.22 -32.00
N GLU B 415 -10.55 14.64 -32.81
CA GLU B 415 -9.73 13.54 -32.31
C GLU B 415 -8.49 14.02 -31.58
N SER B 416 -8.01 15.22 -31.86
CA SER B 416 -6.74 15.65 -31.31
C SER B 416 -6.95 16.50 -30.07
N CYS B 417 -8.12 17.14 -29.97
CA CYS B 417 -8.37 17.99 -28.83
C CYS B 417 -9.44 17.37 -27.92
N LEU B 418 -10.50 16.78 -28.49
CA LEU B 418 -11.52 16.16 -27.66
C LEU B 418 -11.20 14.71 -27.34
N LEU B 419 -10.25 14.14 -28.06
CA LEU B 419 -9.94 12.73 -27.94
C LEU B 419 -11.17 11.85 -28.15
N LEU B 420 -12.05 12.23 -29.09
CA LEU B 420 -13.32 11.54 -29.32
C LEU B 420 -13.28 9.99 -29.33
N SER B 421 -12.39 9.41 -30.15
CA SER B 421 -12.33 7.97 -30.36
C SER B 421 -12.20 7.13 -29.10
N ALA B 422 -11.70 7.76 -28.03
CA ALA B 422 -11.43 7.08 -26.77
C ALA B 422 -12.35 7.53 -25.65
N SER B 423 -13.42 8.23 -26.01
CA SER B 423 -14.30 8.85 -25.03
C SER B 423 -15.64 8.12 -24.86
N THR B 424 -16.42 8.56 -23.87
CA THR B 424 -17.72 7.96 -23.57
C THR B 424 -18.72 8.04 -24.72
N LEU B 425 -18.41 8.81 -25.75
CA LEU B 425 -19.34 9.01 -26.85
C LEU B 425 -19.74 7.71 -27.57
N GLY B 426 -21.04 7.40 -27.56
CA GLY B 426 -21.54 6.21 -28.23
C GLY B 426 -21.40 4.94 -27.40
N ASN B 427 -21.23 5.12 -26.09
CA ASN B 427 -20.94 4.01 -25.19
C ASN B 427 -22.20 3.25 -24.82
N THR B 428 -22.06 1.93 -24.69
CA THR B 428 -23.19 1.03 -24.52
C THR B 428 -23.36 0.56 -23.06
N ARG B 429 -22.60 1.16 -22.16
CA ARG B 429 -22.57 0.72 -20.77
C ARG B 429 -23.26 1.69 -19.78
N ASP B 430 -23.86 2.75 -20.31
CA ASP B 430 -24.50 3.83 -19.53
C ASP B 430 -23.47 4.67 -18.73
N ASP B 431 -22.27 4.83 -19.29
CA ASP B 431 -21.23 5.63 -18.67
C ASP B 431 -21.40 7.14 -18.87
N TRP B 432 -21.38 7.89 -17.78
CA TRP B 432 -21.62 9.32 -17.82
C TRP B 432 -20.42 10.07 -18.33
N PRO B 433 -20.66 11.26 -18.92
CA PRO B 433 -19.58 12.15 -19.35
C PRO B 433 -18.57 12.46 -18.24
N THR B 434 -17.29 12.55 -18.58
CA THR B 434 -16.21 12.70 -17.61
C THR B 434 -15.70 14.13 -17.45
N ALA B 435 -14.96 14.38 -16.39
CA ALA B 435 -14.42 15.71 -16.12
C ALA B 435 -13.34 16.11 -17.14
N GLU B 436 -12.59 15.13 -17.63
CA GLU B 436 -11.64 15.38 -18.70
C GLU B 436 -12.42 15.83 -19.93
N GLU B 437 -13.45 15.08 -20.31
CA GLU B 437 -14.27 15.43 -21.46
C GLU B 437 -14.90 16.81 -21.32
N ARG B 438 -15.29 17.20 -20.12
CA ARG B 438 -15.85 18.54 -19.92
C ARG B 438 -14.77 19.59 -20.12
N ARG B 439 -13.57 19.31 -19.64
CA ARG B 439 -12.48 20.28 -19.71
C ARG B 439 -12.05 20.51 -21.15
N ARG B 440 -11.91 19.41 -21.87
CA ARG B 440 -11.51 19.45 -23.26
C ARG B 440 -12.58 20.17 -24.08
N SER B 441 -13.85 19.93 -23.77
CA SER B 441 -14.93 20.61 -24.45
C SER B 441 -14.91 22.11 -24.21
N VAL B 442 -14.79 22.50 -22.95
CA VAL B 442 -14.80 23.90 -22.60
C VAL B 442 -13.58 24.63 -23.19
N PHE B 443 -12.48 23.90 -23.40
CA PHE B 443 -11.31 24.49 -24.04
C PHE B 443 -11.56 24.72 -25.55
N LEU B 444 -12.01 23.68 -26.24
CA LEU B 444 -12.37 23.81 -27.64
C LEU B 444 -13.34 24.97 -27.86
N GLU B 445 -14.31 25.13 -26.97
CA GLU B 445 -15.31 26.15 -27.18
C GLU B 445 -14.67 27.50 -27.03
N GLN B 446 -13.74 27.57 -26.10
CA GLN B 446 -12.98 28.78 -25.87
C GLN B 446 -12.20 29.16 -27.13
N LEU B 447 -11.61 28.15 -27.75
CA LEU B 447 -10.90 28.27 -29.02
C LEU B 447 -11.78 28.77 -30.16
N ILE B 448 -12.94 28.13 -30.34
CA ILE B 448 -13.89 28.52 -31.37
C ILE B 448 -14.24 30.01 -31.29
N ASP B 449 -14.23 30.56 -30.09
CA ASP B 449 -14.52 31.98 -29.96
C ASP B 449 -13.27 32.87 -30.07
N TYR B 450 -12.09 32.27 -29.99
CA TYR B 450 -10.87 33.07 -29.97
C TYR B 450 -10.57 33.59 -31.37
N ASP B 451 -10.84 32.75 -32.36
CA ASP B 451 -10.58 33.12 -33.73
C ASP B 451 -11.42 32.32 -34.70
N ASP B 452 -11.79 32.94 -35.82
CA ASP B 452 -12.63 32.27 -36.80
C ASP B 452 -11.91 31.04 -37.40
N LYS B 453 -10.59 31.07 -37.43
CA LYS B 453 -9.82 29.93 -37.93
C LYS B 453 -10.23 28.64 -37.21
N PHE B 454 -10.58 28.75 -35.93
CA PHE B 454 -10.94 27.59 -35.12
C PHE B 454 -12.40 27.16 -35.27
N LEU B 455 -13.27 28.12 -35.55
CA LEU B 455 -14.64 27.80 -35.87
C LEU B 455 -14.67 26.96 -37.14
N ASN B 456 -13.86 27.33 -38.12
CA ASN B 456 -13.86 26.59 -39.37
C ASN B 456 -13.19 25.22 -39.26
N ILE B 457 -12.07 25.16 -38.55
CA ILE B 457 -11.38 23.90 -38.28
C ILE B 457 -12.32 22.92 -37.61
N THR B 458 -13.06 23.38 -36.60
CA THR B 458 -13.97 22.50 -35.91
C THR B 458 -15.11 22.01 -36.80
N ILE B 459 -15.68 22.93 -37.60
CA ILE B 459 -16.79 22.57 -38.48
C ILE B 459 -16.32 21.57 -39.53
N ASP B 460 -15.16 21.86 -40.13
CA ASP B 460 -14.50 20.91 -41.01
C ASP B 460 -14.35 19.53 -40.34
N SER B 461 -13.74 19.49 -39.16
CA SER B 461 -13.57 18.27 -38.38
C SER B 461 -14.88 17.52 -38.15
N MET B 462 -15.94 18.26 -37.82
CA MET B 462 -17.27 17.68 -37.68
C MET B 462 -17.79 17.09 -38.99
N LEU B 463 -17.58 17.80 -40.10
CA LEU B 463 -17.98 17.30 -41.40
C LEU B 463 -17.15 16.08 -41.88
N ALA B 464 -15.88 16.03 -41.51
CA ALA B 464 -15.04 14.85 -41.78
C ALA B 464 -15.51 13.55 -41.10
N LEU B 465 -16.30 13.68 -40.03
CA LEU B 465 -16.75 12.52 -39.26
C LEU B 465 -17.77 11.67 -39.99
N PRO B 466 -17.84 10.39 -39.63
CA PRO B 466 -19.04 9.66 -40.04
C PRO B 466 -20.22 10.37 -39.41
N GLU B 467 -21.35 10.41 -40.12
CA GLU B 467 -22.47 11.21 -39.65
C GLU B 467 -23.08 10.58 -38.40
N GLU B 468 -23.00 9.26 -38.31
CA GLU B 468 -23.47 8.52 -37.14
C GLU B 468 -22.79 9.12 -35.93
N ARG B 469 -21.48 9.31 -36.05
CA ARG B 469 -20.65 9.86 -35.00
C ARG B 469 -20.97 11.33 -34.67
N LEU B 470 -21.29 12.12 -35.68
CA LEU B 470 -21.67 13.51 -35.40
C LEU B 470 -23.07 13.59 -34.76
N ILE B 471 -24.02 12.77 -35.24
CA ILE B 471 -25.32 12.64 -34.60
C ILE B 471 -25.14 12.26 -33.13
N GLN B 472 -24.25 11.31 -32.84
CA GLN B 472 -24.07 10.88 -31.47
C GLN B 472 -23.67 12.02 -30.53
N MET B 473 -22.87 12.97 -31.02
CA MET B 473 -22.47 14.12 -30.23
C MET B 473 -23.66 14.95 -29.79
N CYS B 474 -24.69 14.98 -30.62
CA CYS B 474 -25.83 15.81 -30.37
C CYS B 474 -26.64 15.34 -29.19
N TYR B 475 -26.47 14.06 -28.86
CA TYR B 475 -27.20 13.43 -27.75
C TYR B 475 -26.34 13.28 -26.50
N HIS B 476 -25.13 13.83 -26.56
CA HIS B 476 -24.17 13.64 -25.49
C HIS B 476 -24.13 14.84 -24.57
N GLY B 477 -24.09 14.59 -23.27
CA GLY B 477 -24.11 15.64 -22.27
C GLY B 477 -23.08 16.74 -22.41
N VAL B 478 -21.79 16.42 -22.50
CA VAL B 478 -20.86 17.53 -22.67
C VAL B 478 -20.67 17.86 -24.15
N PHE B 479 -20.67 16.86 -25.02
CA PHE B 479 -20.32 17.10 -26.42
C PHE B 479 -21.41 17.83 -27.22
N SER B 480 -22.67 17.76 -26.78
CA SER B 480 -23.72 18.56 -27.40
C SER B 480 -23.38 20.05 -27.31
N HIS B 481 -22.64 20.43 -26.29
CA HIS B 481 -22.25 21.82 -26.13
C HIS B 481 -21.26 22.25 -27.19
N VAL B 482 -20.46 21.31 -27.65
CA VAL B 482 -19.52 21.64 -28.68
C VAL B 482 -20.29 21.90 -29.97
N VAL B 483 -21.14 20.97 -30.38
CA VAL B 483 -21.91 21.08 -31.61
C VAL B 483 -22.68 22.38 -31.66
N GLU B 484 -23.25 22.74 -30.54
CA GLU B 484 -24.13 23.90 -30.49
C GLU B 484 -23.32 25.21 -30.48
N HIS B 485 -22.05 25.10 -30.16
CA HIS B 485 -21.16 26.26 -30.11
C HIS B 485 -20.66 26.64 -31.51
N VAL B 486 -20.84 25.70 -32.42
CA VAL B 486 -20.37 25.82 -33.77
C VAL B 486 -21.50 26.50 -34.58
N LEU B 487 -22.73 26.45 -34.05
CA LEU B 487 -23.91 26.98 -34.75
C LEU B 487 -24.07 28.51 -34.66
N GLN B 488 -22.98 29.23 -34.92
CA GLN B 488 -22.96 30.69 -34.87
C GLN B 488 -23.22 31.32 -36.22
N THR B 489 -24.46 31.73 -36.47
CA THR B 489 -24.95 31.98 -37.83
C THR B 489 -24.17 33.02 -38.61
N THR B 490 -23.90 34.18 -38.03
CA THR B 490 -23.20 35.22 -38.81
C THR B 490 -21.74 34.92 -39.03
N ARG B 491 -21.23 33.87 -38.44
CA ARG B 491 -19.80 33.63 -38.46
C ARG B 491 -19.41 32.45 -39.36
N VAL B 492 -20.42 31.71 -39.81
CA VAL B 492 -20.28 30.55 -40.68
C VAL B 492 -20.78 30.85 -42.11
N ASP B 493 -19.96 30.59 -43.12
CA ASP B 493 -20.41 30.86 -44.48
C ASP B 493 -21.51 29.87 -44.87
N ILE B 494 -22.32 30.28 -45.85
CA ILE B 494 -23.57 29.62 -46.17
C ILE B 494 -23.38 28.18 -46.59
N ILE B 495 -22.32 27.90 -47.34
CA ILE B 495 -22.10 26.55 -47.83
C ILE B 495 -21.87 25.60 -46.65
N LYS B 496 -21.07 26.04 -45.68
CA LYS B 496 -20.80 25.26 -44.46
C LYS B 496 -22.09 25.08 -43.65
N ARG B 497 -22.90 26.13 -43.55
CA ARG B 497 -24.17 26.06 -42.85
C ARG B 497 -25.03 24.98 -43.50
N LYS B 498 -25.01 24.98 -44.83
CA LYS B 498 -25.80 24.02 -45.58
C LYS B 498 -25.37 22.57 -45.37
N MET B 499 -24.06 22.32 -45.31
CA MET B 499 -23.57 20.95 -45.11
C MET B 499 -23.92 20.42 -43.71
N LEU B 500 -23.80 21.28 -42.69
CA LEU B 500 -24.18 20.89 -41.33
C LEU B 500 -25.64 20.56 -41.27
N LEU B 501 -26.46 21.37 -41.96
CA LEU B 501 -27.91 21.18 -41.96
C LEU B 501 -28.33 19.93 -42.66
N ASN B 502 -27.54 19.50 -43.64
CA ASN B 502 -27.83 18.26 -44.32
C ASN B 502 -27.73 17.08 -43.36
N ILE B 503 -26.81 17.17 -42.40
CA ILE B 503 -26.68 16.08 -41.45
C ILE B 503 -27.76 16.18 -40.38
N LEU B 504 -27.90 17.36 -39.79
CA LEU B 504 -28.81 17.57 -38.66
C LEU B 504 -30.28 17.40 -39.01
N SER B 505 -30.70 17.81 -40.21
CA SER B 505 -32.06 17.61 -40.71
C SER B 505 -32.57 16.16 -40.64
N LYS B 506 -31.67 15.22 -40.86
CA LYS B 506 -32.01 13.79 -40.84
C LYS B 506 -32.67 13.38 -39.50
N GLU B 507 -32.45 14.15 -38.45
CA GLU B 507 -32.84 13.78 -37.09
C GLU B 507 -33.65 14.86 -36.38
N SER B 508 -34.42 15.63 -37.12
CA SER B 508 -35.14 16.75 -36.52
C SER B 508 -35.98 16.37 -35.27
N VAL B 509 -36.96 15.48 -35.43
CA VAL B 509 -37.80 15.09 -34.29
C VAL B 509 -37.00 14.47 -33.11
N ASN B 510 -36.08 13.57 -33.43
CA ASN B 510 -35.21 12.99 -32.41
C ASN B 510 -34.42 14.01 -31.60
N LEU B 511 -33.97 15.08 -32.24
CA LEU B 511 -33.21 16.13 -31.59
C LEU B 511 -34.11 17.05 -30.79
N ALA B 512 -35.28 17.35 -31.34
CA ALA B 512 -36.25 18.21 -30.68
C ALA B 512 -36.64 17.60 -29.35
N CYS B 513 -36.78 16.28 -29.34
CA CYS B 513 -37.28 15.58 -28.17
C CYS B 513 -36.21 15.19 -27.14
N ASN B 514 -34.98 15.61 -27.37
CA ASN B 514 -33.86 15.21 -26.52
C ASN B 514 -33.46 16.31 -25.56
N VAL B 515 -33.05 15.92 -24.36
CA VAL B 515 -32.60 16.89 -23.37
C VAL B 515 -31.54 17.86 -23.91
N TYR B 516 -30.59 17.31 -24.65
CA TYR B 516 -29.45 18.06 -25.17
C TYR B 516 -29.73 18.54 -26.58
N GLY B 517 -30.29 17.65 -27.39
CA GLY B 517 -30.48 17.90 -28.79
C GLY B 517 -31.41 19.06 -29.05
N SER B 518 -32.29 19.27 -28.10
CA SER B 518 -33.31 20.29 -28.24
C SER B 518 -32.69 21.68 -28.18
N HIS B 519 -31.51 21.81 -27.60
CA HIS B 519 -30.85 23.11 -27.62
C HIS B 519 -30.15 23.36 -28.97
N ILE B 520 -29.63 22.31 -29.58
CA ILE B 520 -29.21 22.37 -30.98
C ILE B 520 -30.34 22.79 -31.95
N MET B 521 -31.47 22.09 -31.88
CA MET B 521 -32.60 22.42 -32.75
C MET B 521 -33.09 23.83 -32.58
N ASP B 522 -33.12 24.33 -31.35
CA ASP B 522 -33.43 25.73 -31.12
C ASP B 522 -32.50 26.66 -31.87
N LYS B 523 -31.20 26.35 -31.82
CA LYS B 523 -30.20 27.21 -32.45
C LYS B 523 -30.27 27.12 -33.97
N LEU B 524 -30.99 26.11 -34.45
CA LEU B 524 -31.12 25.88 -35.87
C LEU B 524 -32.10 26.85 -36.51
N TRP B 525 -32.91 27.51 -35.67
CA TRP B 525 -33.88 28.48 -36.17
C TRP B 525 -33.19 29.66 -36.82
N GLU B 526 -32.15 30.18 -36.18
CA GLU B 526 -31.44 31.28 -36.80
C GLU B 526 -30.44 30.76 -37.81
N PHE B 527 -29.83 29.62 -37.52
CA PHE B 527 -28.78 29.07 -38.38
C PHE B 527 -29.21 28.89 -39.84
N THR B 528 -30.50 28.61 -40.05
CA THR B 528 -31.03 28.43 -41.40
C THR B 528 -31.42 29.74 -42.10
N ALA B 529 -31.03 30.88 -41.55
CA ALA B 529 -31.27 32.14 -42.21
C ALA B 529 -30.63 32.14 -43.61
N LYS B 530 -31.36 32.66 -44.61
CA LYS B 530 -30.98 32.65 -46.03
C LYS B 530 -30.90 31.22 -46.58
N LEU B 531 -31.50 30.29 -45.85
CA LEU B 531 -31.50 28.89 -46.21
C LEU B 531 -32.90 28.31 -46.00
N THR B 532 -33.91 28.99 -46.53
CA THR B 532 -35.30 28.64 -46.22
C THR B 532 -35.74 27.20 -46.55
N LEU B 533 -35.09 26.53 -47.49
CA LEU B 533 -35.49 25.17 -47.83
C LEU B 533 -35.43 24.28 -46.59
N TYR B 534 -34.42 24.50 -45.76
CA TYR B 534 -34.17 23.69 -44.58
C TYR B 534 -35.14 23.99 -43.44
N LYS B 535 -35.59 25.25 -43.35
CA LYS B 535 -36.60 25.63 -42.38
C LYS B 535 -37.88 24.86 -42.63
N GLU B 536 -38.31 24.78 -43.88
CA GLU B 536 -39.56 24.12 -44.20
C GLU B 536 -39.42 22.61 -44.09
N ARG B 537 -38.26 22.11 -44.48
CA ARG B 537 -37.94 20.70 -44.33
C ARG B 537 -38.12 20.26 -42.89
N ILE B 538 -37.56 21.03 -41.98
CA ILE B 538 -37.54 20.68 -40.57
C ILE B 538 -38.92 20.81 -39.94
N ALA B 539 -39.56 21.97 -40.12
CA ALA B 539 -40.90 22.20 -39.61
C ALA B 539 -41.93 21.17 -40.15
N ARG B 540 -41.78 20.75 -41.40
CA ARG B 540 -42.57 19.64 -41.93
C ARG B 540 -42.38 18.36 -41.11
N ALA B 541 -41.11 18.07 -40.80
CA ALA B 541 -40.79 16.85 -40.05
C ALA B 541 -41.36 16.92 -38.63
N LEU B 542 -41.26 18.10 -38.01
CA LEU B 542 -41.73 18.28 -36.67
C LEU B 542 -43.26 18.24 -36.57
N VAL B 543 -43.94 18.85 -37.52
CA VAL B 543 -45.41 18.89 -37.53
C VAL B 543 -45.97 17.49 -37.78
N LEU B 544 -45.23 16.72 -38.57
CA LEU B 544 -45.55 15.33 -38.85
C LEU B 544 -45.62 14.47 -37.59
N GLU B 545 -45.10 15.00 -36.49
CA GLU B 545 -45.08 14.29 -35.23
C GLU B 545 -45.52 15.25 -34.11
N THR B 546 -46.54 16.04 -34.41
CA THR B 546 -46.97 17.06 -33.47
C THR B 546 -47.19 16.46 -32.10
N GLU B 547 -47.81 15.28 -32.04
CA GLU B 547 -48.17 14.71 -30.76
C GLU B 547 -46.92 14.43 -29.97
N LYS B 548 -46.03 13.62 -30.53
CA LYS B 548 -44.73 13.28 -29.91
C LYS B 548 -43.92 14.51 -29.54
N VAL B 549 -43.81 15.46 -30.46
CA VAL B 549 -43.02 16.66 -30.20
C VAL B 549 -43.63 17.50 -29.07
N LYS B 550 -44.88 17.96 -29.23
CA LYS B 550 -45.51 18.84 -28.25
C LYS B 550 -45.69 18.16 -26.88
N ASN B 551 -45.66 16.83 -26.88
CA ASN B 551 -45.79 16.08 -25.65
C ASN B 551 -44.48 16.03 -24.84
N SER B 552 -43.36 15.99 -25.56
CA SER B 552 -42.02 16.06 -24.97
C SER B 552 -41.77 17.32 -24.13
N ILE B 553 -41.14 17.12 -22.97
CA ILE B 553 -40.71 18.21 -22.12
C ILE B 553 -39.98 19.30 -22.93
N TYR B 554 -39.15 18.84 -23.87
CA TYR B 554 -38.28 19.70 -24.65
C TYR B 554 -38.86 20.08 -26.02
N GLY B 555 -39.61 19.15 -26.61
CA GLY B 555 -40.23 19.37 -27.90
C GLY B 555 -41.13 20.57 -27.89
N ARG B 556 -41.88 20.73 -26.79
CA ARG B 556 -42.85 21.82 -26.69
C ARG B 556 -42.14 23.15 -26.59
N GLN B 557 -40.91 23.16 -26.09
CA GLN B 557 -40.16 24.42 -26.10
C GLN B 557 -39.67 24.69 -27.52
N VAL B 558 -39.16 23.66 -28.19
CA VAL B 558 -38.70 23.81 -29.57
C VAL B 558 -39.83 24.34 -30.44
N TRP B 559 -41.01 23.74 -30.26
CA TRP B 559 -42.23 24.13 -30.96
C TRP B 559 -42.54 25.61 -30.77
N LYS B 560 -42.37 26.09 -29.54
CA LYS B 560 -42.57 27.51 -29.25
C LYS B 560 -41.58 28.32 -30.07
N ASN B 561 -40.30 27.99 -29.89
CA ASN B 561 -39.19 28.72 -30.49
C ASN B 561 -39.24 28.74 -32.01
N TRP B 562 -39.74 27.67 -32.60
CA TRP B 562 -39.84 27.57 -34.05
C TRP B 562 -41.11 28.16 -34.57
N LYS B 563 -41.95 28.66 -33.66
CA LYS B 563 -43.21 29.27 -33.99
C LYS B 563 -44.13 28.36 -34.81
N LEU B 564 -44.05 27.06 -34.53
CA LEU B 564 -44.76 26.09 -35.35
C LEU B 564 -46.27 26.28 -35.29
N GLU B 565 -46.72 26.98 -34.25
CA GLU B 565 -48.14 27.25 -34.12
C GLU B 565 -48.61 28.11 -35.31
N LEU B 566 -47.85 29.13 -35.67
CA LEU B 566 -48.11 29.90 -36.90
C LEU B 566 -48.01 29.05 -38.16
N TYR B 567 -46.88 28.38 -38.35
CA TYR B 567 -46.63 27.54 -39.52
C TYR B 567 -47.87 26.69 -39.83
N VAL B 568 -48.52 26.19 -38.80
CA VAL B 568 -49.70 25.34 -38.96
C VAL B 568 -50.98 26.11 -39.34
N ARG B 569 -51.22 27.24 -38.67
CA ARG B 569 -52.49 27.94 -38.82
C ARG B 569 -52.40 29.29 -39.55
N LYS B 570 -51.22 29.88 -39.61
CA LYS B 570 -51.03 31.09 -40.43
C LYS B 570 -49.68 31.01 -41.15
N MET B 571 -49.60 30.05 -42.07
CA MET B 571 -48.45 29.86 -42.94
C MET B 571 -47.83 31.16 -43.46
N TRP B 572 -48.65 32.04 -43.99
CA TRP B 572 -48.15 33.29 -44.55
C TRP B 572 -47.49 34.14 -43.47
N ASP B 573 -48.07 34.12 -42.28
CA ASP B 573 -47.50 34.87 -41.18
C ASP B 573 -46.14 34.29 -40.79
N TRP B 574 -46.05 32.96 -40.84
CA TRP B 574 -44.79 32.26 -40.57
C TRP B 574 -43.72 32.68 -41.58
N LYS B 575 -44.06 32.59 -42.87
CA LYS B 575 -43.14 32.97 -43.93
C LYS B 575 -42.65 34.41 -43.75
N LYS B 576 -43.51 35.26 -43.19
CA LYS B 576 -43.16 36.67 -42.99
C LYS B 576 -42.13 36.83 -41.88
N LEU B 577 -42.25 36.02 -40.82
CA LEU B 577 -41.30 36.04 -39.70
C LEU B 577 -39.87 35.78 -40.18
N ILE B 578 -39.77 34.90 -41.17
CA ILE B 578 -38.50 34.48 -41.77
C ILE B 578 -37.87 35.56 -42.63
N LYS B 579 -38.66 36.16 -43.53
CA LYS B 579 -38.23 37.34 -44.31
C LYS B 579 -37.65 38.36 -43.33
N GLU B 580 -38.38 38.65 -42.26
CA GLU B 580 -37.93 39.63 -41.29
C GLU B 580 -36.63 39.17 -40.66
N GLN B 581 -36.58 37.88 -40.31
CA GLN B 581 -35.39 37.30 -39.70
C GLN B 581 -34.16 37.49 -40.57
N GLU B 582 -34.27 37.08 -41.82
CA GLU B 582 -33.16 37.22 -42.75
C GLU B 582 -32.73 38.67 -42.94
N PHE B 583 -33.60 39.62 -42.59
CA PHE B 583 -33.28 41.03 -42.69
C PHE B 583 -32.56 41.50 -41.43
N GLU B 584 -33.03 41.07 -40.28
CA GLU B 584 -32.42 41.41 -38.99
C GLU B 584 -30.96 40.93 -38.93
N ILE B 585 -30.72 39.70 -39.40
CA ILE B 585 -29.39 39.07 -39.37
C ILE B 585 -28.51 39.45 -40.58
N PHE B 586 -29.13 39.54 -41.75
CA PHE B 586 -28.41 39.92 -42.98
C PHE B 586 -29.15 41.04 -43.73
#